data_7T6H
#
_entry.id   7T6H
#
_cell.length_a   104.525
_cell.length_b   169.495
_cell.length_c   129.984
_cell.angle_alpha   90.000
_cell.angle_beta   90.000
_cell.angle_gamma   90.000
#
_symmetry.space_group_name_H-M   'C 2 2 21'
#
loop_
_entity.id
_entity.type
_entity.pdbx_description
1 polymer 'Dihydroorotate dehydrogenase (quinone)'
2 non-polymer 'OROTIC ACID'
3 non-polymer 'FLAVIN MONONUCLEOTIDE'
4 water water
#
_entity_poly.entity_id   1
_entity_poly.type   'polypeptide(L)'
_entity_poly.pdbx_seq_one_letter_code
;HHHHHHSSGLVPRGSHMASMTGGQQMGRGSEFMYYPFVRKALFQLDPERAHEFTFQQLRRITGTPFEALVRQKVPAKPVN
CMGLTFKNPLGLAAGLDKDGECIDALGAMGFGSIEIGTVTPRPQPGNDKPRLFRLVDAEGLINRMGFNNLGVDNLVENVK
KAHYDGVLGINIGKNKDTPVEQGKDDYLICMEKIYAYAGYIAINISSPNTPGLRTLQYGEALDDLLTAIKNKQNDLQAMH
HKYVPIAVKIAPDLSEEELIQVADSLVRHNIDGVIATNTTLDRSLVQGMKNCDQTGGLSGRPLQLKSTEIIRRLSLELNG
RLPIIGVGGIDSVIAAREKIAAGASLVQIYSGFIFKGPPLIKEIVTHI
;
_entity_poly.pdbx_strand_id   A,B
#
# COMPACT_ATOMS: atom_id res chain seq x y z
N TYR A 34 15.65 19.46 -0.34
CA TYR A 34 15.07 18.34 -1.07
C TYR A 34 15.31 17.05 -0.28
N TYR A 35 14.23 16.34 0.08
CA TYR A 35 14.31 15.43 1.22
C TYR A 35 15.15 14.18 0.96
N PRO A 36 15.03 13.53 -0.20
CA PRO A 36 15.88 12.36 -0.45
C PRO A 36 17.36 12.64 -0.23
N PHE A 37 17.83 13.86 -0.51
CA PHE A 37 19.22 14.17 -0.20
C PHE A 37 19.45 14.14 1.31
N VAL A 38 18.62 14.87 2.06
CA VAL A 38 18.65 14.85 3.53
C VAL A 38 18.63 13.42 4.06
N ARG A 39 17.73 12.59 3.50
CA ARG A 39 17.58 11.22 3.96
C ARG A 39 18.86 10.43 3.80
N LYS A 40 19.52 10.56 2.65
CA LYS A 40 20.79 9.87 2.44
C LYS A 40 21.81 10.26 3.50
N ALA A 41 21.85 11.55 3.86
CA ALA A 41 22.80 12.00 4.87
C ALA A 41 22.48 11.41 6.23
N LEU A 42 21.26 11.62 6.69
CA LEU A 42 20.89 11.13 8.02
C LEU A 42 20.97 9.62 8.09
N PHE A 43 20.78 8.92 6.97
CA PHE A 43 20.83 7.48 7.02
C PHE A 43 22.25 6.93 7.17
N GLN A 44 23.25 7.80 7.12
CA GLN A 44 24.62 7.32 7.41
C GLN A 44 24.70 7.11 8.91
N LEU A 45 23.84 7.80 9.64
CA LEU A 45 23.81 7.67 11.11
C LEU A 45 22.85 6.56 11.51
N ASP A 46 23.07 5.97 12.68
CA ASP A 46 22.14 4.95 13.21
C ASP A 46 20.81 5.64 13.47
N PRO A 47 19.66 4.94 13.42
CA PRO A 47 18.37 5.59 13.55
C PRO A 47 18.15 6.48 14.78
N GLU A 48 18.63 6.05 15.96
CA GLU A 48 18.47 6.84 17.20
C GLU A 48 19.39 8.05 17.13
N ARG A 49 20.61 7.90 16.64
CA ARG A 49 21.51 9.07 16.51
C ARG A 49 20.95 10.07 15.51
N ALA A 50 20.27 9.60 14.47
CA ALA A 50 19.74 10.50 13.43
C ALA A 50 18.60 11.32 14.03
N HIS A 51 17.81 10.70 14.90
CA HIS A 51 16.70 11.40 15.58
C HIS A 51 17.29 12.42 16.55
N GLU A 52 18.25 12.01 17.36
CA GLU A 52 18.92 12.93 18.32
C GLU A 52 19.51 14.08 17.53
N PHE A 53 20.18 13.79 16.41
CA PHE A 53 20.69 14.92 15.57
C PHE A 53 19.55 15.82 15.11
N THR A 54 18.50 15.23 14.52
CA THR A 54 17.37 16.03 13.97
C THR A 54 16.71 16.87 15.06
N PHE A 55 16.52 16.30 16.25
CA PHE A 55 15.76 17.01 17.31
C PHE A 55 16.63 18.10 17.94
N GLN A 56 17.94 17.90 17.93
CA GLN A 56 18.84 18.95 18.45
C GLN A 56 18.75 20.19 17.55
N GLN A 57 18.62 19.99 16.24
CA GLN A 57 18.46 21.14 15.32
C GLN A 57 17.08 21.78 15.53
N LEU A 58 16.04 20.97 15.65
CA LEU A 58 14.66 21.50 15.87
C LEU A 58 14.62 22.27 17.18
N ARG A 59 15.25 21.76 18.23
CA ARG A 59 15.30 22.49 19.49
C ARG A 59 16.08 23.81 19.35
N ARG A 60 17.00 23.86 18.41
CA ARG A 60 17.85 25.08 18.28
C ARG A 60 17.13 26.12 17.42
N ILE A 61 16.18 25.73 16.59
CA ILE A 61 15.57 26.73 15.66
C ILE A 61 14.21 27.21 16.19
N THR A 62 13.74 26.63 17.29
CA THR A 62 12.40 27.01 17.81
C THR A 62 12.44 28.48 18.21
N GLY A 63 11.54 29.31 17.65
CA GLY A 63 11.48 30.73 18.03
C GLY A 63 12.56 31.56 17.37
N THR A 64 13.08 31.12 16.23
CA THR A 64 14.12 31.88 15.50
C THR A 64 13.66 32.03 14.04
N PRO A 65 14.24 32.92 13.21
CA PRO A 65 13.88 32.99 11.78
C PRO A 65 14.23 31.70 11.03
N PHE A 66 14.49 30.60 11.75
CA PHE A 66 14.75 29.28 11.12
C PHE A 66 13.69 28.28 11.61
N GLU A 67 12.78 28.70 12.48
CA GLU A 67 11.50 27.95 12.60
C GLU A 67 10.80 28.08 11.27
N ALA A 68 11.41 28.84 10.36
CA ALA A 68 10.84 29.07 9.02
C ALA A 68 11.52 28.11 8.06
N LEU A 69 12.72 27.67 8.41
CA LEU A 69 13.41 26.68 7.56
C LEU A 69 12.65 25.36 7.61
N VAL A 70 11.76 25.21 8.61
CA VAL A 70 10.95 23.96 8.75
C VAL A 70 9.48 24.27 8.49
N ARG A 71 9.12 25.55 8.33
CA ARG A 71 7.70 25.90 8.16
C ARG A 71 7.21 25.42 6.79
N GLN A 72 5.94 25.04 6.71
CA GLN A 72 5.39 24.53 5.47
C GLN A 72 3.95 24.97 5.42
N LYS A 73 3.57 25.69 4.37
CA LYS A 73 2.18 26.11 4.25
C LYS A 73 1.38 24.97 3.65
N VAL A 74 0.34 24.54 4.37
CA VAL A 74 -0.55 23.49 3.91
C VAL A 74 -1.98 24.03 3.91
N PRO A 75 -2.88 23.61 2.98
CA PRO A 75 -4.27 24.03 3.02
C PRO A 75 -4.99 23.60 4.30
N ALA A 76 -6.00 24.37 4.69
CA ALA A 76 -6.78 24.03 5.90
C ALA A 76 -7.82 22.98 5.55
N LYS A 77 -7.90 21.92 6.34
CA LYS A 77 -8.95 20.89 6.16
C LYS A 77 -9.56 20.62 7.54
N PRO A 78 -10.26 21.59 8.16
CA PRO A 78 -10.74 21.41 9.54
C PRO A 78 -11.69 20.23 9.71
N VAL A 79 -11.50 19.46 10.77
CA VAL A 79 -12.33 18.24 11.01
C VAL A 79 -12.72 18.20 12.48
N ASN A 80 -13.98 17.89 12.77
CA ASN A 80 -14.44 17.74 14.17
C ASN A 80 -14.27 16.28 14.58
N CYS A 81 -13.62 16.04 15.70
CA CYS A 81 -13.49 14.66 16.20
C CYS A 81 -13.31 14.70 17.71
N MET A 82 -14.05 13.87 18.42
CA MET A 82 -13.93 13.78 19.87
C MET A 82 -14.26 15.10 20.55
N GLY A 83 -15.07 15.93 19.90
CA GLY A 83 -15.43 17.22 20.46
C GLY A 83 -14.40 18.30 20.24
N LEU A 84 -13.27 17.96 19.64
CA LEU A 84 -12.22 18.91 19.29
C LEU A 84 -12.31 19.26 17.81
N THR A 85 -11.74 20.41 17.47
CA THR A 85 -11.61 20.86 16.09
C THR A 85 -10.16 20.73 15.67
N PHE A 86 -9.87 19.77 14.80
CA PHE A 86 -8.51 19.55 14.32
C PHE A 86 -8.24 20.45 13.13
N LYS A 87 -7.08 21.11 13.13
CA LYS A 87 -6.66 21.94 12.02
C LYS A 87 -6.81 21.22 10.68
N ASN A 88 -6.34 19.99 10.62
CA ASN A 88 -6.56 19.10 9.47
C ASN A 88 -6.55 17.68 10.00
N PRO A 89 -6.84 16.69 9.13
CA PRO A 89 -7.01 15.31 9.59
C PRO A 89 -5.71 14.52 9.81
N LEU A 90 -4.52 15.12 9.65
CA LEU A 90 -3.25 14.40 9.79
C LEU A 90 -2.52 14.80 11.05
N GLY A 91 -2.21 13.80 11.88
CA GLY A 91 -1.41 14.05 13.06
C GLY A 91 -0.06 13.36 13.05
N LEU A 92 0.83 13.83 13.90
CA LEU A 92 2.09 13.16 14.16
C LEU A 92 1.87 12.15 15.27
N ALA A 93 2.05 10.87 14.97
CA ALA A 93 1.87 9.82 15.97
C ALA A 93 2.87 9.96 17.11
N ALA A 94 2.50 9.38 18.25
CA ALA A 94 3.36 9.37 19.43
C ALA A 94 4.65 8.60 19.16
N GLY A 95 5.68 8.93 19.92
CA GLY A 95 6.95 8.25 19.87
C GLY A 95 8.07 9.07 19.25
N LEU A 96 7.74 10.10 18.47
CA LEU A 96 8.78 10.94 17.88
C LEU A 96 9.23 12.00 18.86
N ASP A 97 8.29 12.73 19.45
CA ASP A 97 8.56 13.68 20.52
C ASP A 97 8.07 13.09 21.85
N LYS A 98 8.86 12.16 22.42
CA LYS A 98 8.43 11.49 23.65
C LYS A 98 8.29 12.47 24.81
N ASP A 99 9.11 13.50 24.87
CA ASP A 99 9.08 14.42 25.99
C ASP A 99 8.43 15.77 25.68
N GLY A 100 7.87 15.95 24.49
CA GLY A 100 7.29 17.22 24.12
C GLY A 100 8.25 18.38 24.03
N GLU A 101 9.49 18.14 23.59
CA GLU A 101 10.48 19.21 23.48
C GLU A 101 10.41 20.02 22.19
N CYS A 102 9.80 19.50 21.12
CA CYS A 102 9.79 20.20 19.84
C CYS A 102 8.37 20.44 19.31
N ILE A 103 7.40 20.64 20.21
CA ILE A 103 6.01 20.81 19.76
C ILE A 103 5.91 21.89 18.69
N ASP A 104 6.46 23.08 18.95
CA ASP A 104 6.26 24.23 18.07
C ASP A 104 6.82 23.99 16.68
N ALA A 105 8.04 23.44 16.62
CA ALA A 105 8.72 23.23 15.33
C ALA A 105 8.07 22.11 14.54
N LEU A 106 7.58 21.08 15.21
CA LEU A 106 6.87 20.02 14.50
C LEU A 106 5.51 20.52 14.03
N GLY A 107 4.85 21.34 14.84
CA GLY A 107 3.59 21.93 14.42
C GLY A 107 3.74 22.83 13.21
N ALA A 108 4.85 23.58 13.15
CA ALA A 108 5.09 24.45 12.00
C ALA A 108 5.14 23.67 10.68
N MET A 109 5.33 22.35 10.72
CA MET A 109 5.47 21.60 9.48
C MET A 109 4.14 21.30 8.83
N GLY A 110 3.04 21.57 9.53
CA GLY A 110 1.73 21.45 8.93
C GLY A 110 0.85 20.39 9.56
N PHE A 111 1.30 19.69 10.60
CA PHE A 111 0.43 18.70 11.23
C PHE A 111 -0.84 19.36 11.74
N GLY A 112 -1.96 18.68 11.56
CA GLY A 112 -3.22 19.11 12.16
C GLY A 112 -3.28 18.88 13.66
N SER A 113 -2.41 18.03 14.18
CA SER A 113 -2.35 17.73 15.60
C SER A 113 -1.03 17.04 15.86
N ILE A 114 -0.62 17.06 17.12
CA ILE A 114 0.66 16.51 17.55
C ILE A 114 0.45 15.70 18.81
N GLU A 115 0.88 14.45 18.79
CA GLU A 115 0.77 13.57 19.95
C GLU A 115 2.16 13.37 20.54
N ILE A 116 2.35 13.81 21.78
CA ILE A 116 3.60 13.64 22.48
C ILE A 116 3.49 12.47 23.44
N GLY A 117 4.62 12.11 24.07
CA GLY A 117 4.73 10.83 24.74
C GLY A 117 5.15 9.73 23.76
N THR A 118 5.11 8.48 24.22
CA THR A 118 4.54 8.10 25.52
C THR A 118 5.39 8.58 26.67
N VAL A 119 4.73 9.08 27.71
CA VAL A 119 5.39 9.51 28.92
C VAL A 119 4.87 8.66 30.08
N THR A 120 5.71 8.47 31.09
CA THR A 120 5.34 7.69 32.26
C THR A 120 5.44 8.55 33.52
N PRO A 121 4.86 8.10 34.64
CA PRO A 121 4.89 8.95 35.83
C PRO A 121 6.30 9.32 36.25
N ARG A 122 7.16 8.35 36.41
CA ARG A 122 8.55 8.59 36.75
C ARG A 122 9.42 8.41 35.52
N PRO A 123 10.51 9.16 35.44
CA PRO A 123 11.49 8.94 34.36
C PRO A 123 12.01 7.52 34.38
N GLN A 124 12.42 7.03 33.21
CA GLN A 124 13.06 5.74 33.06
C GLN A 124 13.82 5.73 31.75
N PRO A 125 14.82 4.86 31.61
CA PRO A 125 15.70 4.92 30.42
C PRO A 125 15.31 4.02 29.26
N GLY A 126 14.36 3.10 29.44
CA GLY A 126 14.04 2.19 28.38
C GLY A 126 15.11 1.13 28.18
N ASN A 127 14.95 0.38 27.09
CA ASN A 127 15.79 -0.78 26.86
C ASN A 127 17.18 -0.36 26.39
N ASP A 128 18.11 -1.31 26.42
CA ASP A 128 19.47 -1.02 26.00
C ASP A 128 19.54 -0.68 24.52
N LYS A 129 20.41 0.26 24.18
CA LYS A 129 20.76 0.45 22.80
C LYS A 129 21.67 -0.70 22.35
N PRO A 130 21.60 -1.09 21.05
CA PRO A 130 20.72 -0.56 20.00
C PRO A 130 19.31 -1.09 20.18
N ARG A 131 18.31 -0.20 20.08
CA ARG A 131 16.90 -0.55 20.30
C ARG A 131 16.02 -0.04 19.17
N LEU A 132 16.62 0.34 18.03
CA LEU A 132 15.86 0.90 16.91
C LEU A 132 16.61 0.59 15.63
N PHE A 133 15.89 0.12 14.61
CA PHE A 133 16.52 -0.42 13.42
C PHE A 133 15.74 -0.03 12.17
N ARG A 134 16.45 0.23 11.08
CA ARG A 134 15.81 0.50 9.80
C ARG A 134 15.73 -0.77 8.95
N LEU A 135 14.66 -0.87 8.18
CA LEU A 135 14.57 -1.84 7.10
C LEU A 135 14.33 -0.99 5.86
N VAL A 136 15.43 -0.51 5.24
CA VAL A 136 15.32 0.55 4.24
C VAL A 136 14.52 0.11 3.03
N ASP A 137 14.73 -1.13 2.55
CA ASP A 137 14.03 -1.58 1.35
C ASP A 137 12.55 -1.78 1.59
N ALA A 138 12.18 -2.10 2.83
CA ALA A 138 10.79 -2.22 3.22
C ALA A 138 10.20 -0.89 3.64
N GLU A 139 11.01 0.16 3.75
CA GLU A 139 10.58 1.43 4.36
C GLU A 139 9.81 1.15 5.65
N GLY A 140 10.47 0.37 6.51
CA GLY A 140 9.91 0.00 7.79
C GLY A 140 10.94 0.22 8.87
N LEU A 141 10.46 0.14 10.11
CA LEU A 141 11.31 0.27 11.29
C LEU A 141 10.96 -0.83 12.27
N ILE A 142 11.92 -1.14 13.13
CA ILE A 142 11.70 -2.00 14.28
C ILE A 142 12.26 -1.26 15.48
N ASN A 143 11.42 -1.05 16.49
CA ASN A 143 11.86 -0.40 17.72
C ASN A 143 11.50 -1.27 18.92
N ARG A 144 12.38 -1.27 19.91
CA ARG A 144 12.05 -1.73 21.24
C ARG A 144 12.46 -0.66 22.25
N MET A 145 11.94 0.56 22.07
CA MET A 145 12.34 1.66 22.95
C MET A 145 12.01 1.35 24.41
N GLY A 146 10.79 0.90 24.69
CA GLY A 146 10.39 0.68 26.06
C GLY A 146 10.12 1.93 26.86
N PHE A 147 9.58 2.98 26.23
CA PHE A 147 9.16 4.17 26.94
C PHE A 147 10.35 4.89 27.60
N ASN A 148 11.42 5.10 26.84
CA ASN A 148 12.47 5.99 27.30
C ASN A 148 11.92 7.43 27.36
N ASN A 149 11.81 7.98 28.56
CA ASN A 149 11.24 9.31 28.71
C ASN A 149 11.68 9.90 30.05
N LEU A 150 11.52 11.22 30.19
CA LEU A 150 11.92 11.96 31.38
C LEU A 150 10.77 12.18 32.38
N GLY A 151 9.68 11.43 32.26
CA GLY A 151 8.58 11.53 33.21
C GLY A 151 7.60 12.64 32.90
N VAL A 152 6.42 12.51 33.50
CA VAL A 152 5.29 13.36 33.17
C VAL A 152 5.50 14.80 33.63
N ASP A 153 6.17 15.00 34.78
CA ASP A 153 6.33 16.36 35.28
C ASP A 153 7.14 17.21 34.31
N ASN A 154 8.18 16.62 33.72
CA ASN A 154 9.00 17.34 32.76
C ASN A 154 8.21 17.65 31.49
N LEU A 155 7.40 16.70 31.03
CA LEU A 155 6.62 16.96 29.83
C LEU A 155 5.70 18.17 30.03
N VAL A 156 5.07 18.25 31.20
CA VAL A 156 4.17 19.36 31.49
C VAL A 156 4.91 20.68 31.42
N GLU A 157 6.11 20.75 32.00
CA GLU A 157 6.89 21.98 31.87
C GLU A 157 7.15 22.33 30.40
N ASN A 158 7.49 21.32 29.59
CA ASN A 158 7.68 21.53 28.15
C ASN A 158 6.40 22.03 27.50
N VAL A 159 5.26 21.41 27.82
CA VAL A 159 4.00 21.81 27.22
C VAL A 159 3.65 23.25 27.60
N LYS A 160 3.87 23.62 28.86
CA LYS A 160 3.58 24.99 29.29
C LYS A 160 4.26 26.02 28.41
N LYS A 161 5.46 25.71 27.89
CA LYS A 161 6.25 26.67 27.12
C LYS A 161 5.91 26.67 25.64
N ALA A 162 5.02 25.78 25.19
CA ALA A 162 4.75 25.64 23.77
C ALA A 162 3.65 26.61 23.34
N HIS A 163 3.62 26.89 22.04
CA HIS A 163 2.69 27.86 21.49
C HIS A 163 1.76 27.29 20.44
N TYR A 164 2.09 26.13 19.87
CA TYR A 164 1.24 25.39 18.95
C TYR A 164 -0.25 25.64 19.17
N ASP A 165 -0.97 25.78 18.06
CA ASP A 165 -2.39 26.09 18.09
C ASP A 165 -3.27 24.88 17.78
N GLY A 166 -2.80 23.96 16.94
CA GLY A 166 -3.55 22.75 16.67
C GLY A 166 -3.79 21.90 17.90
N VAL A 167 -4.23 20.66 17.70
CA VAL A 167 -4.62 19.79 18.82
C VAL A 167 -3.37 19.12 19.37
N LEU A 168 -3.27 19.05 20.69
CA LEU A 168 -2.16 18.39 21.36
C LEU A 168 -2.65 17.09 21.99
N GLY A 169 -2.13 15.97 21.50
CA GLY A 169 -2.34 14.69 22.16
C GLY A 169 -1.20 14.44 23.15
N ILE A 170 -1.56 13.88 24.30
CA ILE A 170 -0.60 13.50 25.32
C ILE A 170 -0.82 12.04 25.63
N ASN A 171 0.18 11.22 25.33
CA ASN A 171 0.07 9.78 25.35
C ASN A 171 0.81 9.28 26.59
N ILE A 172 0.15 8.46 27.42
CA ILE A 172 0.71 8.07 28.71
C ILE A 172 0.75 6.54 28.84
N GLY A 173 1.61 6.07 29.73
CA GLY A 173 1.82 4.64 29.86
C GLY A 173 2.39 4.27 31.21
N LYS A 174 2.61 2.97 31.38
CA LYS A 174 3.06 2.40 32.65
C LYS A 174 4.58 2.41 32.76
N ASN A 175 5.09 2.83 33.92
CA ASN A 175 6.49 2.60 34.26
C ASN A 175 6.79 1.10 34.25
N LYS A 176 7.99 0.75 33.83
CA LYS A 176 8.35 -0.67 33.77
C LYS A 176 8.18 -1.36 35.12
N ASP A 177 8.58 -0.71 36.21
CA ASP A 177 8.62 -1.39 37.50
C ASP A 177 7.23 -1.62 38.06
N THR A 178 6.29 -0.74 37.74
CA THR A 178 4.93 -0.87 38.23
C THR A 178 4.35 -2.22 37.85
N PRO A 179 3.74 -2.96 38.78
CA PRO A 179 3.19 -4.29 38.44
C PRO A 179 1.96 -4.16 37.55
N VAL A 180 1.80 -5.16 36.68
CA VAL A 180 0.81 -5.05 35.60
C VAL A 180 -0.59 -4.93 36.17
N GLU A 181 -0.90 -5.65 37.24
CA GLU A 181 -2.22 -5.54 37.84
C GLU A 181 -2.49 -4.13 38.35
N GLN A 182 -1.46 -3.42 38.75
CA GLN A 182 -1.63 -2.06 39.22
C GLN A 182 -1.33 -1.02 38.13
N GLY A 183 -1.29 -1.42 36.86
CA GLY A 183 -0.99 -0.46 35.81
C GLY A 183 -1.83 0.80 35.89
N LYS A 184 -3.14 0.66 36.10
CA LYS A 184 -4.08 1.78 36.12
C LYS A 184 -3.60 2.93 37.01
N ASP A 185 -2.94 2.61 38.13
CA ASP A 185 -2.47 3.69 39.01
C ASP A 185 -1.58 4.67 38.26
N ASP A 186 -0.72 4.16 37.38
CA ASP A 186 0.19 5.03 36.65
C ASP A 186 -0.55 5.90 35.66
N TYR A 187 -1.53 5.33 34.96
CA TYR A 187 -2.35 6.14 34.07
C TYR A 187 -3.05 7.24 34.84
N LEU A 188 -3.55 6.92 36.04
CA LEU A 188 -4.33 7.89 36.80
C LEU A 188 -3.43 9.02 37.31
N ILE A 189 -2.20 8.69 37.70
CA ILE A 189 -1.24 9.71 38.13
C ILE A 189 -0.98 10.69 36.99
N CYS A 190 -0.71 10.18 35.79
CA CYS A 190 -0.41 11.05 34.66
C CYS A 190 -1.62 11.92 34.30
N MET A 191 -2.82 11.33 34.24
CA MET A 191 -4.01 12.13 33.95
C MET A 191 -4.10 13.36 34.86
N GLU A 192 -3.86 13.18 36.16
CA GLU A 192 -4.06 14.30 37.08
C GLU A 192 -3.15 15.45 36.72
N LYS A 193 -1.93 15.13 36.29
CA LYS A 193 -0.92 16.18 36.00
C LYS A 193 -1.07 16.79 34.60
N ILE A 194 -1.77 16.12 33.69
CA ILE A 194 -1.83 16.61 32.27
C ILE A 194 -3.22 17.11 31.90
N TYR A 195 -4.23 16.88 32.73
CA TYR A 195 -5.62 17.24 32.35
C TYR A 195 -5.69 18.72 31.98
N ALA A 196 -5.06 19.58 32.77
CA ALA A 196 -5.22 20.99 32.47
C ALA A 196 -4.55 21.38 31.16
N TYR A 197 -3.67 20.54 30.63
CA TYR A 197 -2.85 20.91 29.49
C TYR A 197 -3.13 20.12 28.20
N ALA A 198 -3.74 18.95 28.26
CA ALA A 198 -3.90 18.17 27.06
C ALA A 198 -5.14 18.57 26.28
N GLY A 199 -5.07 18.48 24.96
CA GLY A 199 -6.25 18.57 24.13
C GLY A 199 -7.02 17.28 24.14
N TYR A 200 -6.29 16.16 24.01
CA TYR A 200 -6.84 14.83 24.30
C TYR A 200 -5.74 13.98 24.95
N ILE A 201 -6.18 12.98 25.71
CA ILE A 201 -5.28 12.05 26.38
C ILE A 201 -5.38 10.70 25.69
N ALA A 202 -4.22 10.14 25.32
CA ALA A 202 -4.11 8.82 24.70
C ALA A 202 -3.56 7.82 25.72
N ILE A 203 -4.19 6.66 25.81
CA ILE A 203 -3.85 5.61 26.77
C ILE A 203 -3.11 4.51 26.02
N ASN A 204 -1.85 4.28 26.33
CA ASN A 204 -1.06 3.30 25.59
C ASN A 204 -1.03 1.99 26.36
N ILE A 205 -1.72 0.99 25.84
CA ILE A 205 -1.68 -0.36 26.40
C ILE A 205 -1.32 -1.33 25.27
N SER A 206 -0.64 -0.83 24.23
CA SER A 206 -0.34 -1.59 23.03
C SER A 206 1.14 -1.73 22.71
N SER A 207 2.04 -1.06 23.43
CA SER A 207 3.47 -1.27 23.23
C SER A 207 3.86 -2.73 23.45
N PRO A 208 4.58 -3.35 22.51
CA PRO A 208 5.14 -4.67 22.77
C PRO A 208 6.41 -4.64 23.60
N ASN A 209 6.82 -3.49 24.12
CA ASN A 209 8.15 -3.34 24.68
C ASN A 209 8.17 -3.13 26.19
N THR A 210 7.02 -3.19 26.85
CA THR A 210 6.95 -3.23 28.30
C THR A 210 6.27 -4.53 28.67
N PRO A 211 6.89 -5.37 29.49
CA PRO A 211 6.38 -6.73 29.68
C PRO A 211 4.95 -6.73 30.22
N GLY A 212 4.12 -7.59 29.62
CA GLY A 212 2.73 -7.75 29.99
C GLY A 212 1.83 -6.57 29.72
N LEU A 213 2.38 -5.41 29.30
CA LEU A 213 1.54 -4.25 29.06
C LEU A 213 0.34 -4.60 28.17
N ARG A 214 0.54 -5.46 27.18
CA ARG A 214 -0.56 -5.74 26.26
C ARG A 214 -1.66 -6.57 26.91
N THR A 215 -1.41 -7.23 28.05
CA THR A 215 -2.50 -7.92 28.73
C THR A 215 -3.55 -6.94 29.25
N LEU A 216 -3.21 -5.66 29.40
CA LEU A 216 -4.20 -4.68 29.85
C LEU A 216 -5.32 -4.49 28.85
N GLN A 217 -5.20 -4.97 27.62
CA GLN A 217 -6.28 -4.78 26.67
C GLN A 217 -7.22 -5.99 26.61
N TYR A 218 -7.01 -6.92 27.53
CA TYR A 218 -7.82 -8.17 27.52
C TYR A 218 -8.76 -8.25 28.71
N GLY A 219 -9.99 -8.70 28.48
CA GLY A 219 -10.98 -8.98 29.55
C GLY A 219 -11.15 -8.01 30.69
N GLU A 220 -11.15 -8.53 31.91
CA GLU A 220 -11.44 -7.71 33.11
C GLU A 220 -10.32 -6.71 33.40
N ALA A 221 -9.11 -7.00 32.93
CA ALA A 221 -8.03 -6.01 33.10
C ALA A 221 -8.43 -4.75 32.34
N LEU A 222 -8.89 -4.92 31.10
CA LEU A 222 -9.36 -3.75 30.32
C LEU A 222 -10.55 -3.13 31.05
N ASP A 223 -11.51 -3.95 31.47
CA ASP A 223 -12.68 -3.33 32.08
C ASP A 223 -12.30 -2.60 33.36
N ASP A 224 -11.41 -3.18 34.16
CA ASP A 224 -10.96 -2.48 35.36
C ASP A 224 -10.22 -1.20 35.01
N LEU A 225 -9.32 -1.26 34.02
CA LEU A 225 -8.56 -0.07 33.64
C LEU A 225 -9.49 1.01 33.11
N LEU A 226 -10.42 0.65 32.22
CA LEU A 226 -11.31 1.65 31.66
C LEU A 226 -12.16 2.28 32.76
N THR A 227 -12.59 1.47 33.74
CA THR A 227 -13.40 2.00 34.82
C THR A 227 -12.62 3.02 35.64
N ALA A 228 -11.43 2.64 36.12
CA ALA A 228 -10.59 3.60 36.81
C ALA A 228 -10.43 4.89 36.00
N ILE A 229 -10.14 4.76 34.71
CA ILE A 229 -9.76 5.95 33.93
C ILE A 229 -10.96 6.86 33.74
N LYS A 230 -12.11 6.29 33.37
CA LYS A 230 -13.32 7.09 33.20
C LYS A 230 -13.68 7.82 34.49
N ASN A 231 -13.58 7.14 35.63
CA ASN A 231 -13.95 7.76 36.93
C ASN A 231 -13.02 8.93 37.21
N LYS A 232 -11.73 8.78 36.90
CA LYS A 232 -10.78 9.91 37.06
C LYS A 232 -11.23 11.04 36.13
N GLN A 233 -11.45 10.74 34.86
CA GLN A 233 -11.90 11.78 33.91
C GLN A 233 -13.08 12.55 34.52
N ASN A 234 -14.00 11.83 35.14
CA ASN A 234 -15.19 12.49 35.74
C ASN A 234 -14.75 13.33 36.93
N ASP A 235 -13.93 12.77 37.82
CA ASP A 235 -13.42 13.60 38.91
C ASP A 235 -12.68 14.83 38.37
N LEU A 236 -11.76 14.64 37.42
CA LEU A 236 -10.97 15.77 36.92
C LEU A 236 -11.84 16.79 36.19
N GLN A 237 -12.91 16.35 35.53
CA GLN A 237 -13.85 17.30 34.88
C GLN A 237 -14.42 18.28 35.91
N ALA A 238 -14.74 17.80 37.10
CA ALA A 238 -15.34 18.66 38.14
C ALA A 238 -14.30 19.64 38.70
N MET A 239 -13.04 19.22 38.74
CA MET A 239 -11.98 20.07 39.31
C MET A 239 -11.57 21.15 38.30
N HIS A 240 -11.48 20.82 37.02
CA HIS A 240 -10.95 21.80 36.02
C HIS A 240 -12.07 22.44 35.21
N HIS A 241 -13.30 21.95 35.35
CA HIS A 241 -14.47 22.53 34.65
C HIS A 241 -14.34 22.40 33.13
N LYS A 242 -13.81 21.28 32.64
CA LYS A 242 -13.75 21.02 31.21
C LYS A 242 -13.64 19.51 31.00
N TYR A 243 -14.08 19.07 29.84
CA TYR A 243 -14.05 17.66 29.47
C TYR A 243 -12.89 17.45 28.50
N VAL A 244 -11.96 16.59 28.89
CA VAL A 244 -10.80 16.26 28.06
C VAL A 244 -10.98 14.83 27.56
N PRO A 245 -11.23 14.64 26.26
CA PRO A 245 -11.52 13.29 25.77
C PRO A 245 -10.34 12.34 25.96
N ILE A 246 -10.65 11.05 26.01
CA ILE A 246 -9.66 10.00 26.18
C ILE A 246 -9.82 8.99 25.07
N ALA A 247 -8.72 8.71 24.37
CA ALA A 247 -8.65 7.69 23.34
C ALA A 247 -7.69 6.60 23.78
N VAL A 248 -8.02 5.35 23.47
CA VAL A 248 -7.21 4.20 23.87
C VAL A 248 -6.48 3.70 22.63
N LYS A 249 -5.18 3.40 22.78
CA LYS A 249 -4.33 2.99 21.66
C LYS A 249 -4.09 1.48 21.71
N ILE A 250 -4.57 0.76 20.70
CA ILE A 250 -4.59 -0.70 20.71
C ILE A 250 -3.51 -1.24 19.76
N ALA A 251 -3.28 -2.51 19.87
CA ALA A 251 -2.30 -3.28 19.14
C ALA A 251 -2.92 -3.83 17.86
N PRO A 252 -2.14 -3.94 16.78
CA PRO A 252 -2.63 -4.61 15.57
C PRO A 252 -2.60 -6.12 15.65
N ASP A 253 -2.16 -6.69 16.77
CA ASP A 253 -2.00 -8.13 16.86
C ASP A 253 -3.15 -8.79 17.61
N LEU A 254 -4.27 -8.09 17.74
CA LEU A 254 -5.46 -8.67 18.33
C LEU A 254 -6.11 -9.65 17.38
N SER A 255 -6.61 -10.75 17.94
CA SER A 255 -7.45 -11.66 17.18
C SER A 255 -8.83 -11.05 16.93
N GLU A 256 -9.60 -11.71 16.06
CA GLU A 256 -10.95 -11.23 15.79
C GLU A 256 -11.80 -11.16 17.07
N GLU A 257 -11.76 -12.20 17.91
CA GLU A 257 -12.55 -12.15 19.15
C GLU A 257 -12.03 -11.06 20.07
N GLU A 258 -10.72 -11.03 20.29
CA GLU A 258 -10.17 -9.99 21.17
C GLU A 258 -10.59 -8.61 20.68
N LEU A 259 -10.62 -8.40 19.37
CA LEU A 259 -10.94 -7.07 18.87
C LEU A 259 -12.41 -6.75 19.10
N ILE A 260 -13.29 -7.72 18.87
CA ILE A 260 -14.70 -7.53 19.22
C ILE A 260 -14.85 -7.18 20.69
N GLN A 261 -14.13 -7.88 21.56
CA GLN A 261 -14.23 -7.60 23.00
C GLN A 261 -13.71 -6.22 23.32
N VAL A 262 -12.59 -5.82 22.73
CA VAL A 262 -12.06 -4.49 22.97
C VAL A 262 -13.07 -3.44 22.53
N ALA A 263 -13.64 -3.62 21.34
CA ALA A 263 -14.64 -2.67 20.85
C ALA A 263 -15.80 -2.55 21.82
N ASP A 264 -16.37 -3.69 22.23
CA ASP A 264 -17.50 -3.67 23.15
C ASP A 264 -17.12 -2.96 24.44
N SER A 265 -15.92 -3.24 24.95
CA SER A 265 -15.53 -2.69 26.23
C SER A 265 -15.36 -1.17 26.15
N LEU A 266 -14.86 -0.66 25.02
CA LEU A 266 -14.69 0.79 24.86
C LEU A 266 -16.04 1.50 24.76
N VAL A 267 -17.01 0.87 24.10
CA VAL A 267 -18.36 1.45 24.02
C VAL A 267 -19.00 1.47 25.39
N ARG A 268 -19.01 0.32 26.08
CA ARG A 268 -19.70 0.22 27.37
C ARG A 268 -19.13 1.19 28.39
N HIS A 269 -17.83 1.49 28.33
CA HIS A 269 -17.23 2.43 29.27
C HIS A 269 -17.22 3.86 28.74
N ASN A 270 -17.76 4.10 27.55
CA ASN A 270 -17.91 5.46 27.03
C ASN A 270 -16.55 6.15 26.82
N ILE A 271 -15.61 5.41 26.23
CA ILE A 271 -14.32 5.99 25.89
C ILE A 271 -14.46 6.86 24.65
N ASP A 272 -13.77 7.99 24.64
CA ASP A 272 -14.02 9.00 23.63
C ASP A 272 -13.50 8.64 22.25
N GLY A 273 -12.47 7.80 22.19
CA GLY A 273 -11.96 7.36 20.88
C GLY A 273 -11.06 6.16 20.95
N VAL A 274 -10.64 5.67 19.78
CA VAL A 274 -9.68 4.54 19.73
C VAL A 274 -8.59 4.88 18.71
N ILE A 275 -7.33 4.72 19.09
CA ILE A 275 -6.22 4.91 18.13
C ILE A 275 -5.80 3.53 17.63
N ALA A 276 -6.05 3.26 16.36
CA ALA A 276 -5.68 1.96 15.77
C ALA A 276 -4.66 2.19 14.63
N THR A 277 -3.39 1.73 14.70
CA THR A 277 -2.82 0.81 15.68
C THR A 277 -1.40 1.18 16.04
N ASN A 278 -0.85 0.45 17.01
CA ASN A 278 0.56 0.49 17.36
C ASN A 278 1.34 -0.46 16.44
N THR A 279 2.58 -0.77 16.80
CA THR A 279 3.46 -1.65 16.01
C THR A 279 3.09 -3.13 16.17
N THR A 280 3.61 -3.96 15.26
CA THR A 280 3.27 -5.38 15.16
C THR A 280 4.45 -6.29 15.46
N LEU A 281 4.14 -7.42 16.11
CA LEU A 281 5.11 -8.50 16.26
C LEU A 281 5.31 -9.27 14.96
N ASP A 282 4.42 -9.08 14.00
CA ASP A 282 4.50 -9.81 12.73
C ASP A 282 5.81 -9.52 12.02
N ARG A 283 6.28 -10.52 11.25
CA ARG A 283 7.51 -10.36 10.49
C ARG A 283 7.38 -10.99 9.12
N SER A 284 6.17 -11.36 8.72
CA SER A 284 6.04 -12.21 7.54
C SER A 284 6.30 -11.46 6.24
N LEU A 285 6.23 -10.14 6.23
CA LEU A 285 6.50 -9.42 5.00
C LEU A 285 7.96 -8.99 4.88
N VAL A 286 8.77 -9.19 5.92
CA VAL A 286 10.16 -8.73 5.92
C VAL A 286 11.15 -9.89 6.07
N GLN A 287 10.70 -11.13 5.87
CA GLN A 287 11.61 -12.27 5.90
C GLN A 287 12.74 -12.06 4.90
N GLY A 288 13.96 -12.43 5.30
CA GLY A 288 15.12 -12.31 4.45
C GLY A 288 15.72 -10.94 4.40
N MET A 289 15.19 -9.98 5.14
CA MET A 289 15.72 -8.63 5.11
C MET A 289 16.56 -8.36 6.35
N LYS A 290 17.63 -7.60 6.17
CA LYS A 290 18.48 -7.25 7.28
C LYS A 290 17.64 -6.69 8.42
N ASN A 291 17.98 -7.09 9.64
CA ASN A 291 17.33 -6.69 10.90
C ASN A 291 15.95 -7.29 11.10
N CYS A 292 15.46 -8.12 10.18
CA CYS A 292 14.09 -8.59 10.35
C CYS A 292 13.92 -9.43 11.60
N ASP A 293 15.00 -9.99 12.14
CA ASP A 293 14.94 -10.83 13.33
C ASP A 293 15.07 -10.04 14.61
N GLN A 294 15.31 -8.73 14.55
CA GLN A 294 15.39 -7.95 15.77
C GLN A 294 14.05 -7.96 16.48
N THR A 295 14.06 -8.18 17.81
CA THR A 295 12.80 -8.21 18.53
C THR A 295 12.27 -6.80 18.78
N GLY A 296 10.95 -6.65 18.74
CA GLY A 296 10.31 -5.36 18.97
C GLY A 296 9.07 -5.21 18.10
N GLY A 297 8.63 -3.96 17.95
CA GLY A 297 7.47 -3.67 17.11
C GLY A 297 7.86 -3.19 15.72
N LEU A 298 7.22 -3.77 14.71
CA LEU A 298 7.48 -3.39 13.32
C LEU A 298 6.48 -2.34 12.87
N SER A 299 6.97 -1.29 12.22
CA SER A 299 6.16 -0.15 11.77
C SER A 299 6.51 0.19 10.32
N GLY A 300 5.80 1.19 9.78
CA GLY A 300 6.01 1.58 8.40
C GLY A 300 5.25 0.72 7.41
N ARG A 301 5.73 0.74 6.17
CA ARG A 301 5.00 0.05 5.09
C ARG A 301 4.67 -1.41 5.38
N PRO A 302 5.50 -2.22 6.03
CA PRO A 302 5.15 -3.63 6.26
C PRO A 302 4.03 -3.83 7.25
N LEU A 303 3.51 -2.75 7.85
CA LEU A 303 2.35 -2.76 8.74
C LEU A 303 1.08 -2.22 8.08
N GLN A 304 1.19 -1.55 6.93
CA GLN A 304 0.05 -0.82 6.36
C GLN A 304 -1.20 -1.70 6.19
N LEU A 305 -1.07 -2.85 5.51
CA LEU A 305 -2.25 -3.67 5.22
C LEU A 305 -2.93 -4.14 6.51
N LYS A 306 -2.15 -4.64 7.46
CA LYS A 306 -2.73 -5.17 8.69
C LYS A 306 -3.44 -4.07 9.49
N SER A 307 -2.79 -2.92 9.66
CA SER A 307 -3.43 -1.76 10.25
C SER A 307 -4.80 -1.47 9.63
N THR A 308 -4.86 -1.42 8.29
CA THR A 308 -6.10 -1.13 7.61
C THR A 308 -7.15 -2.21 7.83
N GLU A 309 -6.75 -3.49 7.89
CA GLU A 309 -7.69 -4.55 8.16
C GLU A 309 -8.23 -4.44 9.58
N ILE A 310 -7.39 -4.05 10.53
CA ILE A 310 -7.85 -3.88 11.90
C ILE A 310 -8.84 -2.73 12.00
N ILE A 311 -8.53 -1.59 11.38
CA ILE A 311 -9.44 -0.46 11.42
C ILE A 311 -10.80 -0.84 10.83
N ARG A 312 -10.81 -1.56 9.70
CA ARG A 312 -12.07 -1.90 9.06
C ARG A 312 -12.91 -2.85 9.92
N ARG A 313 -12.26 -3.75 10.66
CA ARG A 313 -13.03 -4.71 11.49
C ARG A 313 -13.55 -3.96 12.72
N LEU A 314 -12.73 -3.07 13.26
CA LEU A 314 -13.12 -2.28 14.46
C LEU A 314 -14.29 -1.37 14.11
N SER A 315 -14.26 -0.74 12.94
CA SER A 315 -15.34 0.20 12.53
C SER A 315 -16.66 -0.56 12.42
N LEU A 316 -16.62 -1.81 11.95
CA LEU A 316 -17.88 -2.53 11.89
C LEU A 316 -18.43 -2.78 13.28
N GLU A 317 -17.56 -3.09 14.24
CA GLU A 317 -17.96 -3.32 15.61
C GLU A 317 -18.44 -2.04 16.30
N LEU A 318 -17.77 -0.91 16.08
CA LEU A 318 -18.15 0.31 16.78
C LEU A 318 -19.37 0.98 16.13
N ASN A 319 -19.56 0.77 14.84
CA ASN A 319 -20.75 1.22 14.14
C ASN A 319 -21.07 2.68 14.47
N GLY A 320 -20.05 3.54 14.36
CA GLY A 320 -20.22 4.96 14.51
C GLY A 320 -20.30 5.46 15.94
N ARG A 321 -20.13 4.58 16.93
CA ARG A 321 -20.39 5.00 18.30
C ARG A 321 -19.22 5.74 18.92
N LEU A 322 -17.99 5.51 18.45
CA LEU A 322 -16.86 6.34 18.85
C LEU A 322 -15.86 6.33 17.71
N PRO A 323 -15.14 7.42 17.50
CA PRO A 323 -14.31 7.56 16.31
C PRO A 323 -12.96 6.84 16.41
N ILE A 324 -12.45 6.45 15.24
CA ILE A 324 -11.16 5.78 15.11
C ILE A 324 -10.14 6.75 14.55
N ILE A 325 -8.99 6.81 15.20
CA ILE A 325 -7.78 7.45 14.65
C ILE A 325 -6.90 6.36 14.04
N GLY A 326 -6.70 6.42 12.71
CA GLY A 326 -6.05 5.35 11.99
C GLY A 326 -4.58 5.64 11.80
N VAL A 327 -3.74 4.68 12.16
CA VAL A 327 -2.29 4.83 12.02
C VAL A 327 -1.68 3.46 11.75
N GLY A 328 -0.61 3.44 10.95
CA GLY A 328 0.00 2.20 10.51
C GLY A 328 0.40 2.20 9.04
N GLY A 329 1.67 2.52 8.77
CA GLY A 329 2.21 2.43 7.42
C GLY A 329 1.63 3.40 6.42
N ILE A 330 1.01 4.50 6.87
CA ILE A 330 0.51 5.50 5.94
C ILE A 330 1.72 6.19 5.36
N ASP A 331 1.94 6.04 4.06
CA ASP A 331 3.07 6.68 3.40
C ASP A 331 2.65 7.38 2.11
N SER A 332 1.37 7.68 1.95
CA SER A 332 0.91 8.32 0.73
C SER A 332 -0.55 8.77 0.89
N VAL A 333 -0.97 9.64 -0.03
CA VAL A 333 -2.35 10.11 -0.05
C VAL A 333 -3.31 8.94 -0.17
N ILE A 334 -3.06 8.03 -1.10
CA ILE A 334 -3.98 6.93 -1.25
C ILE A 334 -4.00 6.04 0.01
N ALA A 335 -2.84 5.82 0.65
CA ALA A 335 -2.81 5.03 1.88
C ALA A 335 -3.60 5.72 2.98
N ALA A 336 -3.46 7.04 3.12
CA ALA A 336 -4.29 7.76 4.10
C ALA A 336 -5.77 7.61 3.76
N ARG A 337 -6.11 7.71 2.47
CA ARG A 337 -7.51 7.58 2.05
C ARG A 337 -8.05 6.18 2.30
N GLU A 338 -7.20 5.15 2.17
CA GLU A 338 -7.67 3.78 2.44
C GLU A 338 -8.12 3.62 3.90
N LYS A 339 -7.39 4.24 4.84
CA LYS A 339 -7.77 4.18 6.24
C LYS A 339 -9.07 4.94 6.52
N ILE A 340 -9.24 6.11 5.90
CA ILE A 340 -10.52 6.82 5.98
C ILE A 340 -11.65 5.90 5.50
N ALA A 341 -11.47 5.30 4.31
CA ALA A 341 -12.47 4.38 3.78
C ALA A 341 -12.76 3.24 4.76
N ALA A 342 -11.72 2.71 5.40
CA ALA A 342 -11.93 1.60 6.31
C ALA A 342 -12.73 2.00 7.54
N GLY A 343 -12.79 3.31 7.84
CA GLY A 343 -13.59 3.79 8.96
C GLY A 343 -12.97 4.86 9.86
N ALA A 344 -11.75 5.31 9.59
CA ALA A 344 -11.16 6.28 10.50
C ALA A 344 -11.66 7.69 10.20
N SER A 345 -11.62 8.55 11.22
CA SER A 345 -11.90 9.97 11.05
C SER A 345 -10.64 10.80 10.93
N LEU A 346 -9.54 10.31 11.46
CA LEU A 346 -8.26 10.99 11.44
C LEU A 346 -7.19 9.97 11.14
N VAL A 347 -6.00 10.45 10.77
CA VAL A 347 -4.86 9.57 10.53
C VAL A 347 -3.62 10.17 11.20
N GLN A 348 -2.64 9.30 11.47
CA GLN A 348 -1.35 9.71 12.02
C GLN A 348 -0.25 8.99 11.25
N ILE A 349 0.92 9.61 11.24
CA ILE A 349 2.10 8.99 10.65
C ILE A 349 3.24 9.11 11.63
N TYR A 350 4.13 8.11 11.60
CA TYR A 350 5.47 8.17 12.18
C TYR A 350 6.47 7.78 11.09
N SER A 351 6.44 6.52 10.67
CA SER A 351 7.50 5.96 9.86
C SER A 351 7.59 6.62 8.48
N GLY A 352 6.43 6.85 7.84
CA GLY A 352 6.40 7.51 6.56
C GLY A 352 6.95 8.93 6.60
N PHE A 353 6.82 9.59 7.75
CA PHE A 353 7.50 10.86 7.93
C PHE A 353 9.00 10.68 7.83
N ILE A 354 9.53 9.61 8.42
CA ILE A 354 10.97 9.39 8.40
C ILE A 354 11.45 9.06 6.99
N PHE A 355 10.67 8.29 6.23
CA PHE A 355 11.13 7.80 4.95
C PHE A 355 10.75 8.72 3.80
N LYS A 356 9.69 9.52 3.95
CA LYS A 356 9.30 10.48 2.93
C LYS A 356 9.46 11.93 3.33
N GLY A 357 9.54 12.24 4.63
CA GLY A 357 9.77 13.60 5.08
C GLY A 357 8.57 14.54 4.94
N PRO A 358 8.81 15.82 5.23
CA PRO A 358 7.71 16.81 5.28
C PRO A 358 6.88 16.85 4.01
N PRO A 359 7.45 16.59 2.83
CA PRO A 359 6.60 16.54 1.63
C PRO A 359 5.39 15.64 1.81
N LEU A 360 5.50 14.59 2.62
CA LEU A 360 4.36 13.69 2.80
C LEU A 360 3.23 14.37 3.55
N ILE A 361 3.57 15.22 4.53
CA ILE A 361 2.57 16.05 5.22
C ILE A 361 1.80 16.86 4.21
N LYS A 362 2.53 17.59 3.35
CA LYS A 362 1.89 18.40 2.32
C LYS A 362 1.01 17.55 1.43
N GLU A 363 1.55 16.46 0.87
CA GLU A 363 0.75 15.56 0.04
C GLU A 363 -0.57 15.23 0.72
N ILE A 364 -0.50 14.70 1.93
CA ILE A 364 -1.69 14.14 2.57
C ILE A 364 -2.68 15.24 2.91
N VAL A 365 -2.23 16.31 3.58
CA VAL A 365 -3.17 17.34 4.00
C VAL A 365 -3.85 17.95 2.78
N THR A 366 -3.09 18.11 1.69
CA THR A 366 -3.60 18.78 0.50
C THR A 366 -4.66 17.94 -0.21
N HIS A 367 -4.48 16.62 -0.24
CA HIS A 367 -5.35 15.79 -1.05
C HIS A 367 -6.14 14.75 -0.29
N ILE A 368 -5.91 14.57 1.00
CA ILE A 368 -6.74 13.62 1.70
C ILE A 368 -8.15 14.10 1.51
N TYR B 34 18.55 9.29 -12.25
CA TYR B 34 17.55 9.58 -11.19
C TYR B 34 16.18 9.77 -11.84
N TYR B 35 15.37 8.72 -11.85
CA TYR B 35 14.04 8.78 -12.51
C TYR B 35 13.16 9.95 -12.03
N PRO B 36 13.03 10.34 -10.74
CA PRO B 36 12.07 11.42 -10.42
C PRO B 36 12.31 12.70 -11.22
N PHE B 37 13.52 12.90 -11.75
CA PHE B 37 13.75 14.06 -12.62
C PHE B 37 13.31 13.77 -14.05
N VAL B 38 13.62 12.57 -14.55
CA VAL B 38 13.06 12.09 -15.82
C VAL B 38 11.53 12.18 -15.82
N ARG B 39 10.91 11.75 -14.72
CA ARG B 39 9.45 11.73 -14.65
C ARG B 39 8.87 13.13 -14.73
N LYS B 40 9.50 14.08 -14.03
CA LYS B 40 9.09 15.48 -14.11
C LYS B 40 9.01 15.96 -15.56
N ALA B 41 10.08 15.72 -16.32
CA ALA B 41 10.09 16.11 -17.73
C ALA B 41 9.05 15.35 -18.52
N LEU B 42 9.06 14.03 -18.43
CA LEU B 42 8.12 13.21 -19.17
C LEU B 42 6.68 13.62 -18.86
N PHE B 43 6.39 13.93 -17.60
CA PHE B 43 5.04 14.30 -17.22
C PHE B 43 4.65 15.68 -17.68
N GLN B 44 5.51 16.32 -18.47
CA GLN B 44 5.12 17.55 -19.14
C GLN B 44 4.29 17.26 -20.37
N LEU B 45 4.55 16.14 -21.03
CA LEU B 45 3.73 15.66 -22.14
C LEU B 45 2.49 14.93 -21.64
N ASP B 46 1.43 14.99 -22.44
CA ASP B 46 0.26 14.22 -22.12
C ASP B 46 0.62 12.73 -22.16
N PRO B 47 -0.15 11.89 -21.47
CA PRO B 47 0.31 10.49 -21.25
C PRO B 47 0.59 9.71 -22.54
N GLU B 48 -0.26 9.76 -23.56
CA GLU B 48 -0.02 8.92 -24.73
C GLU B 48 1.17 9.44 -25.54
N ARG B 49 1.28 10.75 -25.70
CA ARG B 49 2.48 11.31 -26.34
C ARG B 49 3.74 10.88 -25.59
N ALA B 50 3.69 10.94 -24.25
CA ALA B 50 4.83 10.46 -23.47
C ALA B 50 5.16 9.01 -23.83
N HIS B 51 4.13 8.17 -23.89
CA HIS B 51 4.36 6.78 -24.25
C HIS B 51 5.01 6.67 -25.63
N GLU B 52 4.46 7.36 -26.62
CA GLU B 52 4.99 7.22 -27.97
C GLU B 52 6.42 7.74 -28.08
N PHE B 53 6.73 8.85 -27.41
CA PHE B 53 8.11 9.36 -27.43
C PHE B 53 9.07 8.35 -26.82
N THR B 54 8.71 7.78 -25.66
CA THR B 54 9.60 6.80 -25.04
C THR B 54 9.75 5.57 -25.91
N PHE B 55 8.66 5.09 -26.50
CA PHE B 55 8.76 3.87 -27.30
C PHE B 55 9.43 4.12 -28.65
N GLN B 56 9.21 5.28 -29.25
CA GLN B 56 10.06 5.66 -30.38
C GLN B 56 11.54 5.49 -30.03
N GLN B 57 11.95 5.89 -28.82
CA GLN B 57 13.35 5.72 -28.44
C GLN B 57 13.69 4.25 -28.21
N LEU B 58 12.81 3.49 -27.56
CA LEU B 58 13.11 2.09 -27.29
C LEU B 58 13.13 1.29 -28.57
N ARG B 59 12.32 1.68 -29.56
CA ARG B 59 12.28 0.95 -30.82
C ARG B 59 13.62 1.03 -31.55
N ARG B 60 14.31 2.16 -31.43
CA ARG B 60 15.57 2.37 -32.14
C ARG B 60 16.76 1.75 -31.43
N ILE B 61 16.58 1.16 -30.25
CA ILE B 61 17.69 0.49 -29.56
C ILE B 61 17.40 -0.97 -29.25
N THR B 62 16.15 -1.43 -29.32
CA THR B 62 15.83 -2.79 -28.91
C THR B 62 16.52 -3.79 -29.82
N GLY B 63 17.12 -4.82 -29.22
CA GLY B 63 17.85 -5.80 -29.99
C GLY B 63 19.09 -5.28 -30.70
N THR B 64 19.76 -4.29 -30.12
CA THR B 64 21.06 -3.82 -30.61
C THR B 64 22.00 -3.59 -29.44
N PRO B 65 23.29 -3.42 -29.71
CA PRO B 65 24.22 -3.03 -28.64
C PRO B 65 23.77 -1.76 -27.93
N PHE B 66 23.01 -0.91 -28.61
CA PHE B 66 22.54 0.32 -27.99
C PHE B 66 21.65 0.08 -26.77
N GLU B 67 21.30 -1.15 -26.46
CA GLU B 67 20.46 -1.33 -25.30
C GLU B 67 21.25 -1.35 -23.98
N ALA B 68 22.58 -1.21 -24.02
CA ALA B 68 23.31 -0.88 -22.80
C ALA B 68 22.72 0.34 -22.10
N LEU B 69 22.10 1.23 -22.87
CA LEU B 69 21.54 2.46 -22.33
C LEU B 69 20.46 2.19 -21.29
N VAL B 70 19.75 1.08 -21.39
CA VAL B 70 18.67 0.78 -20.47
C VAL B 70 18.91 -0.50 -19.69
N ARG B 71 20.05 -1.16 -19.89
CA ARG B 71 20.25 -2.46 -19.26
C ARG B 71 20.43 -2.30 -17.77
N GLN B 72 19.79 -3.17 -17.01
CA GLN B 72 19.91 -3.23 -15.56
C GLN B 72 20.29 -4.65 -15.18
N LYS B 73 21.26 -4.78 -14.30
CA LYS B 73 21.65 -6.10 -13.82
C LYS B 73 20.79 -6.44 -12.61
N VAL B 74 20.11 -7.58 -12.67
CA VAL B 74 19.29 -8.04 -11.55
C VAL B 74 19.67 -9.48 -11.19
N PRO B 75 19.57 -9.89 -9.90
CA PRO B 75 19.89 -11.25 -9.51
C PRO B 75 18.93 -12.29 -10.08
N ALA B 76 19.38 -13.53 -10.09
CA ALA B 76 18.52 -14.62 -10.56
C ALA B 76 17.62 -15.07 -9.42
N LYS B 77 16.31 -15.04 -9.64
CA LYS B 77 15.36 -15.56 -8.63
C LYS B 77 14.40 -16.51 -9.34
N PRO B 78 14.86 -17.70 -9.79
CA PRO B 78 14.02 -18.59 -10.57
C PRO B 78 12.77 -19.10 -9.86
N VAL B 79 11.64 -19.07 -10.56
CA VAL B 79 10.35 -19.54 -9.97
C VAL B 79 9.71 -20.48 -10.98
N ASN B 80 9.25 -21.64 -10.52
CA ASN B 80 8.53 -22.58 -11.40
C ASN B 80 7.04 -22.25 -11.34
N CYS B 81 6.44 -21.90 -12.47
CA CYS B 81 5.03 -21.55 -12.49
C CYS B 81 4.42 -22.02 -13.80
N MET B 82 3.21 -22.63 -13.72
CA MET B 82 2.49 -23.19 -14.88
C MET B 82 3.34 -24.15 -15.71
N GLY B 83 4.33 -24.78 -15.12
CA GLY B 83 5.12 -25.71 -15.90
C GLY B 83 6.24 -25.09 -16.68
N LEU B 84 6.51 -23.79 -16.46
CA LEU B 84 7.64 -23.08 -17.03
C LEU B 84 8.57 -22.61 -15.93
N THR B 85 9.81 -22.28 -16.32
CA THR B 85 10.74 -21.60 -15.44
C THR B 85 10.76 -20.12 -15.77
N PHE B 86 10.36 -19.28 -14.83
CA PHE B 86 10.49 -17.84 -14.97
C PHE B 86 11.81 -17.44 -14.31
N LYS B 87 12.67 -16.71 -15.05
CA LYS B 87 13.99 -16.40 -14.51
C LYS B 87 13.91 -15.50 -13.27
N ASN B 88 12.84 -14.71 -13.13
CA ASN B 88 12.53 -14.13 -11.83
C ASN B 88 11.00 -13.89 -11.74
N PRO B 89 10.50 -13.57 -10.54
CA PRO B 89 9.04 -13.52 -10.34
C PRO B 89 8.34 -12.27 -10.87
N LEU B 90 9.05 -11.32 -11.52
CA LEU B 90 8.44 -10.04 -11.89
C LEU B 90 8.24 -9.97 -13.40
N GLY B 91 6.98 -9.75 -13.82
CA GLY B 91 6.65 -9.59 -15.22
C GLY B 91 6.24 -8.16 -15.56
N LEU B 92 6.51 -7.76 -16.80
CA LEU B 92 5.87 -6.58 -17.36
C LEU B 92 4.44 -6.93 -17.78
N ALA B 93 3.45 -6.30 -17.17
CA ALA B 93 2.06 -6.59 -17.53
C ALA B 93 1.72 -6.13 -18.96
N ALA B 94 0.68 -6.76 -19.50
CA ALA B 94 0.22 -6.42 -20.84
C ALA B 94 -0.24 -4.98 -20.91
N GLY B 95 -0.18 -4.40 -22.11
CA GLY B 95 -0.62 -3.06 -22.38
N LEU B 96 1.71 -2.35 -22.22
CA LEU B 96 2.77 -1.37 -22.44
C LEU B 96 3.35 -1.50 -23.84
N ASP B 97 3.58 -2.75 -24.25
CA ASP B 97 4.09 -3.05 -25.62
C ASP B 97 3.02 -3.91 -26.29
N LYS B 98 2.01 -3.28 -26.89
CA LYS B 98 0.87 -4.04 -27.45
C LYS B 98 1.24 -4.74 -28.75
N ASP B 99 2.33 -4.34 -29.40
CA ASP B 99 2.64 -4.90 -30.73
C ASP B 99 3.88 -5.79 -30.68
N GLY B 100 4.55 -5.88 -29.53
CA GLY B 100 5.76 -6.71 -29.40
C GLY B 100 6.94 -6.03 -30.04
N GLU B 101 6.99 -4.71 -29.96
CA GLU B 101 8.03 -3.96 -30.66
C GLU B 101 9.35 -3.87 -29.89
N CYS B 102 9.34 -4.08 -28.57
CA CYS B 102 10.48 -3.69 -27.74
C CYS B 102 10.88 -4.78 -26.76
N ILE B 103 10.67 -6.04 -27.13
CA ILE B 103 10.87 -7.14 -26.19
C ILE B 103 12.30 -7.12 -25.64
N ASP B 104 13.29 -7.07 -26.53
CA ASP B 104 14.67 -7.10 -26.06
C ASP B 104 14.99 -5.90 -25.16
N ALA B 105 14.58 -4.69 -25.55
CA ALA B 105 14.87 -3.53 -24.73
C ALA B 105 14.25 -3.68 -23.35
N LEU B 106 12.95 -3.98 -23.28
CA LEU B 106 12.28 -4.17 -21.99
C LEU B 106 12.91 -5.33 -21.21
N GLY B 107 13.31 -6.41 -21.90
CA GLY B 107 13.94 -7.49 -21.19
C GLY B 107 15.25 -7.06 -20.54
N ALA B 108 16.01 -6.20 -21.23
CA ALA B 108 17.28 -5.77 -20.67
C ALA B 108 17.13 -4.95 -19.40
N MET B 109 15.99 -4.30 -19.19
CA MET B 109 15.75 -3.65 -17.90
C MET B 109 15.56 -4.62 -16.74
N GLY B 110 15.39 -5.91 -17.00
CA GLY B 110 15.51 -6.89 -15.93
C GLY B 110 14.26 -7.72 -15.66
N PHE B 111 13.18 -7.57 -16.42
CA PHE B 111 11.97 -8.34 -16.16
C PHE B 111 12.22 -9.83 -16.36
N GLY B 112 11.67 -10.64 -15.46
CA GLY B 112 11.72 -12.07 -15.64
C GLY B 112 10.78 -12.59 -16.71
N SER B 113 9.74 -11.84 -17.03
CA SER B 113 8.88 -12.22 -18.13
C SER B 113 8.30 -10.93 -18.68
N ILE B 114 7.85 -10.99 -19.94
CA ILE B 114 7.31 -9.84 -20.62
C ILE B 114 6.02 -10.26 -21.30
N GLU B 115 4.93 -9.58 -20.99
CA GLU B 115 3.65 -9.90 -21.59
C GLU B 115 3.32 -8.81 -22.60
N ILE B 116 3.16 -9.21 -23.86
CA ILE B 116 2.89 -8.28 -24.96
C ILE B 116 1.44 -8.42 -25.34
N GLY B 117 0.94 -7.46 -26.11
CA GLY B 117 -0.47 -7.32 -26.39
C GLY B 117 -1.08 -6.33 -25.43
N THR B 118 -2.41 -6.28 -25.37
CA THR B 118 -3.33 -7.18 -26.05
C THR B 118 -3.33 -7.00 -27.57
N VAL B 119 -3.47 -8.11 -28.28
CA VAL B 119 -3.55 -8.09 -29.73
C VAL B 119 -4.81 -8.83 -30.15
N THR B 120 -5.39 -8.36 -31.24
CA THR B 120 -6.58 -8.95 -31.85
C THR B 120 -6.23 -9.53 -33.21
N PRO B 121 -7.09 -10.40 -33.74
CA PRO B 121 -6.83 -10.98 -35.08
C PRO B 121 -6.59 -9.93 -36.16
N ARG B 122 -7.47 -9.00 -36.28
CA ARG B 122 -7.31 -7.90 -37.22
C ARG B 122 -6.86 -6.64 -36.49
N PRO B 123 -6.08 -5.77 -37.12
CA PRO B 123 -5.74 -4.50 -36.45
C PRO B 123 -6.99 -3.66 -36.25
N GLN B 124 -6.88 -2.70 -35.35
CA GLN B 124 -7.96 -1.77 -35.07
C GLN B 124 -7.36 -0.58 -34.36
N PRO B 125 -7.97 0.60 -34.48
CA PRO B 125 -7.32 1.82 -33.96
C PRO B 125 -7.56 2.10 -32.47
N GLY B 126 -8.52 1.44 -31.85
CA GLY B 126 -8.89 1.78 -30.48
C GLY B 126 -9.99 2.83 -30.44
N ASN B 127 -10.17 3.41 -29.26
CA ASN B 127 -11.14 4.46 -29.10
C ASN B 127 -10.51 5.81 -29.41
N ASP B 128 -11.36 6.83 -29.47
CA ASP B 128 -10.89 8.16 -29.81
C ASP B 128 -10.08 8.78 -28.67
N LYS B 129 -8.99 9.43 -29.03
CA LYS B 129 -8.24 10.24 -28.10
C LYS B 129 -9.10 11.42 -27.62
N PRO B 130 -8.73 12.04 -26.48
CA PRO B 130 -7.71 11.48 -25.59
C PRO B 130 -8.30 10.28 -24.84
N ARG B 131 -7.46 9.30 -24.53
CA ARG B 131 -7.96 8.05 -23.96
C ARG B 131 -7.07 7.52 -22.85
N LEU B 132 -6.21 8.37 -22.30
CA LEU B 132 -5.25 7.99 -21.27
C LEU B 132 -5.01 9.17 -20.36
N PHE B 133 -5.29 9.02 -19.07
CA PHE B 133 -5.22 10.19 -18.16
C PHE B 133 -4.39 9.83 -16.93
N ARG B 134 -3.67 10.81 -16.42
CA ARG B 134 -2.79 10.57 -15.26
C ARG B 134 -3.40 11.17 -14.01
N LEU B 135 -3.28 10.48 -12.88
CA LEU B 135 -3.71 11.05 -11.57
C LEU B 135 -2.42 11.05 -10.76
N VAL B 136 -1.57 12.07 -10.93
CA VAL B 136 -0.20 12.09 -10.32
C VAL B 136 -0.23 11.93 -8.80
N ASP B 137 -1.09 12.65 -8.10
CA ASP B 137 -1.09 12.60 -6.62
C ASP B 137 -1.51 11.20 -6.15
N ALA B 138 -2.40 10.55 -6.89
CA ALA B 138 -2.79 9.18 -6.56
C ALA B 138 -1.86 8.16 -7.18
N GLU B 139 -0.93 8.58 -8.03
CA GLU B 139 -0.04 7.66 -8.75
C GLU B 139 -0.82 6.52 -9.40
N GLY B 140 -1.88 6.91 -10.11
CA GLY B 140 -2.67 5.97 -10.88
C GLY B 140 -2.98 6.55 -12.25
N LEU B 141 -3.48 5.66 -13.11
CA LEU B 141 -3.80 6.07 -14.49
C LEU B 141 -5.23 5.63 -14.83
N ILE B 142 -5.92 6.38 -15.69
CA ILE B 142 -7.26 5.96 -16.16
C ILE B 142 -7.13 5.81 -17.67
N ASN B 143 -7.56 4.67 -18.22
CA ASN B 143 -7.34 4.45 -19.67
C ASN B 143 -8.56 3.82 -20.32
N ARG B 144 -8.89 4.26 -21.53
CA ARG B 144 -9.93 3.59 -22.29
C ARG B 144 -9.43 3.37 -23.71
N MET B 145 -8.34 2.62 -23.84
CA MET B 145 -7.69 2.48 -25.14
C MET B 145 -8.54 1.65 -26.11
N GLY B 146 -9.20 0.62 -25.62
CA GLY B 146 -9.97 -0.23 -26.51
C GLY B 146 -9.11 -1.08 -27.44
N PHE B 147 -7.97 -1.57 -26.96
CA PHE B 147 -7.18 -2.53 -27.72
C PHE B 147 -6.63 -1.94 -29.03
N ASN B 148 -6.00 -0.79 -28.94
CA ASN B 148 -5.31 -0.23 -30.11
C ASN B 148 -4.07 -1.07 -30.42
N ASN B 149 -4.11 -1.85 -31.51
CA ASN B 149 -3.00 -2.70 -31.89
C ASN B 149 -2.99 -2.86 -33.40
N LEU B 150 -1.92 -3.49 -33.90
CA LEU B 150 -1.68 -3.69 -35.32
C LEU B 150 -2.06 -5.09 -35.78
N GLY B 151 -2.67 -5.89 -34.93
CA GLY B 151 -3.10 -7.20 -35.32
C GLY B 151 -2.06 -8.27 -35.06
N VAL B 152 -2.55 -9.51 -34.95
CA VAL B 152 -1.73 -10.62 -34.52
C VAL B 152 -0.66 -10.99 -35.56
N ASP B 153 -0.99 -10.88 -36.84
CA ASP B 153 0.01 -11.20 -37.87
C ASP B 153 1.28 -10.36 -37.68
N ASN B 154 1.10 -9.07 -37.41
CA ASN B 154 2.24 -8.16 -37.26
C ASN B 154 3.04 -8.48 -36.01
N LEU B 155 2.34 -8.79 -34.92
CA LEU B 155 3.03 -9.11 -33.68
C LEU B 155 3.90 -10.35 -33.83
N VAL B 156 3.39 -11.37 -34.53
CA VAL B 156 4.18 -12.57 -34.74
C VAL B 156 5.49 -12.24 -35.45
N GLU B 157 5.47 -11.26 -36.38
CA GLU B 157 6.68 -10.92 -37.11
C GLU B 157 7.70 -10.24 -36.20
N ASN B 158 7.22 -9.35 -35.32
CA ASN B 158 8.09 -8.74 -34.31
C ASN B 158 8.68 -9.79 -33.36
N VAL B 159 7.83 -10.66 -32.84
CA VAL B 159 8.30 -11.71 -31.95
C VAL B 159 9.37 -12.56 -32.63
N LYS B 160 9.21 -12.82 -33.94
CA LYS B 160 10.22 -13.64 -34.63
C LYS B 160 11.61 -13.04 -34.52
N LYS B 161 11.72 -11.72 -34.39
CA LYS B 161 13.00 -11.03 -34.37
C LYS B 161 13.61 -10.91 -32.98
N ALA B 162 12.95 -11.38 -31.94
CA ALA B 162 13.40 -11.09 -30.59
C ALA B 162 14.35 -12.18 -30.09
N HIS B 163 15.14 -11.83 -29.07
CA HIS B 163 16.11 -12.75 -28.48
C HIS B 163 15.98 -12.82 -26.97
N TYR B 164 14.87 -12.37 -26.42
CA TYR B 164 14.63 -12.36 -24.98
C TYR B 164 14.75 -13.77 -24.39
N ASP B 165 15.46 -13.87 -23.27
CA ASP B 165 15.67 -15.14 -22.59
C ASP B 165 14.74 -15.35 -21.39
N GLY B 166 13.84 -14.40 -21.12
CA GLY B 166 12.78 -14.61 -20.17
C GLY B 166 11.60 -15.33 -20.79
N VAL B 167 10.50 -15.34 -20.06
CA VAL B 167 9.28 -15.93 -20.57
C VAL B 167 8.54 -14.84 -21.34
N LEU B 168 8.04 -15.17 -22.52
CA LEU B 168 7.23 -14.20 -23.29
C LEU B 168 5.75 -14.59 -23.20
N GLY B 169 4.91 -13.66 -22.74
CA GLY B 169 3.46 -13.90 -22.73
C GLY B 169 2.83 -13.17 -23.89
N ILE B 170 1.85 -13.80 -24.54
CA ILE B 170 1.13 -13.12 -25.65
C ILE B 170 -0.34 -12.97 -25.24
N ASN B 171 -0.75 -11.76 -24.88
CA ASN B 171 -2.14 -11.47 -24.46
C ASN B 171 -2.97 -11.24 -25.72
N ILE B 172 -4.12 -11.92 -25.82
CA ILE B 172 -4.98 -11.85 -27.03
C ILE B 172 -6.39 -11.43 -26.62
N GLY B 173 -7.09 -10.71 -27.50
CA GLY B 173 -8.42 -10.20 -27.17
C GLY B 173 -9.37 -10.28 -28.35
N LYS B 174 -10.59 -9.80 -28.18
CA LYS B 174 -11.62 -9.91 -29.23
C LYS B 174 -11.66 -8.61 -30.03
N ASN B 175 -11.81 -8.70 -31.35
CA ASN B 175 -11.96 -7.49 -32.19
C ASN B 175 -13.22 -6.73 -31.75
N LYS B 176 -13.21 -5.41 -31.85
CA LYS B 176 -14.34 -4.58 -31.38
C LYS B 176 -15.63 -4.97 -32.10
N ASP B 177 -15.54 -5.38 -33.36
CA ASP B 177 -16.76 -5.66 -34.15
C ASP B 177 -17.29 -7.08 -33.90
N THR B 178 -16.42 -8.02 -33.50
CA THR B 178 -16.89 -9.39 -33.34
C THR B 178 -18.00 -9.46 -32.29
N PRO B 179 -19.14 -10.07 -32.60
CA PRO B 179 -20.19 -10.23 -31.59
C PRO B 179 -19.71 -11.09 -30.41
N VAL B 180 -19.99 -10.62 -29.19
CA VAL B 180 -19.50 -11.34 -28.01
C VAL B 180 -19.91 -12.80 -28.05
N GLU B 181 -21.01 -13.13 -28.74
CA GLU B 181 -21.39 -14.52 -28.93
C GLU B 181 -20.27 -15.30 -29.65
N GLN B 182 -19.73 -14.74 -30.73
CA GLN B 182 -18.66 -15.38 -31.47
C GLN B 182 -17.29 -14.92 -31.02
N GLY B 183 -17.19 -14.39 -29.80
CA GLY B 183 -15.89 -14.02 -29.27
C GLY B 183 -14.87 -15.13 -29.37
N LYS B 184 -15.30 -16.37 -29.10
CA LYS B 184 -14.36 -17.49 -29.10
C LYS B 184 -13.58 -17.57 -30.41
N ASP B 185 -14.19 -17.18 -31.51
CA ASP B 185 -13.49 -17.34 -32.79
C ASP B 185 -12.28 -16.42 -32.86
N ASP B 186 -12.39 -15.21 -32.30
CA ASP B 186 -11.27 -14.28 -32.33
C ASP B 186 -10.09 -14.80 -31.51
N TYR B 187 -10.38 -15.48 -30.40
CA TYR B 187 -9.31 -16.02 -29.56
C TYR B 187 -8.64 -17.21 -30.24
N LEU B 188 -9.44 -18.05 -30.92
CA LEU B 188 -8.87 -19.25 -31.53
C LEU B 188 -8.00 -18.90 -32.74
N ILE B 189 -8.40 -17.89 -33.52
CA ILE B 189 -7.56 -17.38 -34.59
C ILE B 189 -6.17 -17.03 -34.06
N CYS B 190 -6.13 -16.16 -33.06
CA CYS B 190 -4.88 -15.73 -32.47
C CYS B 190 -4.06 -16.91 -31.95
N MET B 191 -4.72 -17.85 -31.28
CA MET B 191 -3.97 -18.97 -30.70
C MET B 191 -3.19 -19.71 -31.77
N GLU B 192 -3.83 -20.00 -32.91
CA GLU B 192 -3.15 -20.68 -34.01
C GLU B 192 -1.94 -19.91 -34.49
N LYS B 193 -2.04 -18.59 -34.55
CA LYS B 193 -0.96 -17.81 -35.15
C LYS B 193 0.22 -17.62 -34.20
N ILE B 194 -0.03 -17.65 -32.88
CA ILE B 194 1.03 -17.36 -31.92
C ILE B 194 1.57 -18.58 -31.21
N TYR B 195 0.89 -19.72 -31.29
CA TYR B 195 1.25 -20.85 -30.45
C TYR B 195 2.73 -21.17 -30.56
N ALA B 196 3.26 -21.23 -31.78
CA ALA B 196 4.64 -21.65 -31.96
C ALA B 196 5.63 -20.68 -31.32
N TYR B 197 5.20 -19.46 -31.00
CA TYR B 197 6.12 -18.43 -30.55
C TYR B 197 5.97 -18.03 -29.09
N ALA B 198 4.86 -18.38 -28.45
CA ALA B 198 4.58 -17.86 -27.11
C ALA B 198 5.19 -18.75 -26.05
N GLY B 199 5.52 -18.16 -24.91
CA GLY B 199 5.87 -18.91 -23.73
C GLY B 199 4.60 -19.35 -23.01
N TYR B 200 3.70 -18.41 -22.79
CA TYR B 200 2.35 -18.69 -22.32
C TYR B 200 1.42 -17.72 -23.03
N ILE B 201 0.14 -18.09 -23.12
CA ILE B 201 -0.87 -17.23 -23.75
C ILE B 201 -1.81 -16.69 -22.69
N ALA B 202 -2.16 -15.41 -22.80
CA ALA B 202 -3.03 -14.76 -21.82
C ALA B 202 -4.33 -14.38 -22.50
N ILE B 203 -5.45 -14.85 -21.95
CA ILE B 203 -6.78 -14.62 -22.51
C ILE B 203 -7.37 -13.40 -21.79
N ASN B 204 -7.37 -12.25 -22.45
CA ASN B 204 -7.94 -11.03 -21.89
C ASN B 204 -9.44 -11.02 -22.14
N ILE B 205 -10.24 -11.18 -21.08
CA ILE B 205 -11.68 -11.02 -21.19
C ILE B 205 -12.14 -10.08 -20.08
N SER B 206 -11.26 -9.14 -19.71
CA SER B 206 -11.48 -8.30 -18.54
C SER B 206 -11.27 -6.82 -18.79
N SER B 207 -10.81 -6.42 -19.97
CA SER B 207 -10.76 -4.99 -20.27
C SER B 207 -12.17 -4.42 -20.22
N PRO B 208 -12.38 -3.27 -19.59
CA PRO B 208 -13.67 -2.60 -19.66
C PRO B 208 -13.85 -1.71 -20.90
N ASN B 209 -12.97 -1.80 -21.88
CA ASN B 209 -12.95 -0.84 -22.97
C ASN B 209 -13.47 -1.40 -24.27
N THR B 210 -13.94 -2.65 -24.27
CA THR B 210 -14.66 -3.20 -25.39
C THR B 210 -16.02 -3.65 -24.89
N PRO B 211 -17.11 -3.03 -25.36
CA PRO B 211 -18.42 -3.27 -24.74
C PRO B 211 -18.79 -4.74 -24.80
N GLY B 212 -19.33 -5.23 -23.69
CA GLY B 212 -19.78 -6.60 -23.55
C GLY B 212 -18.70 -7.60 -23.19
N LEU B 213 -17.42 -7.25 -23.36
CA LEU B 213 -16.31 -8.23 -23.17
C LEU B 213 -16.30 -8.86 -21.79
N ARG B 214 -16.63 -8.09 -20.75
CA ARG B 214 -16.53 -8.64 -19.37
C ARG B 214 -17.63 -9.68 -19.12
N THR B 215 -18.64 -9.74 -19.98
CA THR B 215 -19.69 -10.78 -19.83
C THR B 215 -19.08 -12.14 -20.15
N LEU B 216 -17.93 -12.15 -20.84
CA LEU B 216 -17.35 -13.46 -21.26
C LEU B 216 -16.72 -14.14 -20.05
N GLN B 217 -16.79 -13.53 -18.87
CA GLN B 217 -16.28 -14.18 -17.65
C GLN B 217 -17.45 -14.63 -16.79
N TYR B 218 -18.66 -14.50 -17.31
CA TYR B 218 -19.84 -14.80 -16.47
C TYR B 218 -20.54 -16.08 -16.92
N GLY B 219 -20.80 -16.99 -15.99
CA GLY B 219 -21.63 -18.16 -16.26
C GLY B 219 -21.34 -18.98 -17.49
N GLU B 220 -22.29 -18.96 -18.43
CA GLU B 220 -22.29 -19.91 -19.55
C GLU B 220 -21.41 -19.44 -20.70
N ALA B 221 -21.39 -18.13 -20.96
CA ALA B 221 -20.42 -17.60 -21.90
C ALA B 221 -19.03 -18.13 -21.56
N LEU B 222 -18.62 -17.98 -20.31
CA LEU B 222 -17.27 -18.36 -19.90
C LEU B 222 -17.01 -19.85 -20.16
N ASP B 223 -17.92 -20.72 -19.75
CA ASP B 223 -17.68 -22.17 -19.88
C ASP B 223 -17.45 -22.52 -21.35
N ASP B 224 -18.20 -21.88 -22.26
CA ASP B 224 -18.10 -22.18 -23.70
C ASP B 224 -16.73 -21.75 -24.22
N LEU B 225 -16.31 -20.53 -23.89
CA LEU B 225 -15.00 -20.00 -24.34
C LEU B 225 -13.89 -20.91 -23.82
N LEU B 226 -13.96 -21.31 -22.54
CA LEU B 226 -12.86 -22.11 -21.97
C LEU B 226 -12.82 -23.47 -22.66
N THR B 227 -13.98 -24.05 -22.94
CA THR B 227 -14.03 -25.34 -23.67
C THR B 227 -13.33 -25.17 -25.02
N ALA B 228 -13.70 -24.13 -25.76
CA ALA B 228 -13.12 -23.92 -27.10
C ALA B 228 -11.62 -23.69 -26.98
N ILE B 229 -11.19 -22.79 -26.10
CA ILE B 229 -9.75 -22.43 -25.95
C ILE B 229 -8.96 -23.69 -25.55
N LYS B 230 -9.49 -24.48 -24.63
CA LYS B 230 -8.74 -25.66 -24.16
C LYS B 230 -8.62 -26.66 -25.30
N ASN B 231 -9.73 -26.99 -25.94
CA ASN B 231 -9.68 -27.93 -27.09
C ASN B 231 -8.62 -27.47 -28.10
N LYS B 232 -8.61 -26.18 -28.46
CA LYS B 232 -7.60 -25.67 -29.36
C LYS B 232 -6.19 -25.89 -28.82
N GLN B 233 -6.00 -25.77 -27.50
CA GLN B 233 -4.68 -25.92 -26.91
C GLN B 233 -4.12 -27.34 -27.10
N ASN B 234 -4.91 -28.37 -26.76
CA ASN B 234 -4.45 -29.73 -27.03
C ASN B 234 -4.23 -29.93 -28.52
N ASP B 235 -5.13 -29.41 -29.35
CA ASP B 235 -4.91 -29.47 -30.79
C ASP B 235 -3.53 -28.94 -31.14
N LEU B 236 -3.26 -27.69 -30.77
CA LEU B 236 -1.98 -27.09 -31.11
C LEU B 236 -0.79 -27.81 -30.48
N GLN B 237 -1.02 -28.52 -29.37
CA GLN B 237 0.12 -29.16 -28.70
C GLN B 237 0.64 -30.34 -29.51
N ALA B 238 -0.27 -31.07 -30.16
CA ALA B 238 0.13 -32.21 -30.99
C ALA B 238 0.60 -31.76 -32.37
N MET B 239 0.05 -30.65 -32.88
CA MET B 239 0.52 -30.08 -34.13
C MET B 239 1.98 -29.62 -34.01
N HIS B 240 2.31 -28.89 -32.93
CA HIS B 240 3.60 -28.24 -32.77
C HIS B 240 4.51 -28.92 -31.77
N HIS B 241 4.04 -29.95 -31.07
CA HIS B 241 4.92 -30.70 -30.17
C HIS B 241 5.49 -29.83 -29.07
N LYS B 242 4.78 -28.77 -28.70
CA LYS B 242 5.26 -27.83 -27.71
C LYS B 242 4.19 -27.67 -26.63
N TYR B 243 4.64 -27.66 -25.39
CA TYR B 243 3.75 -27.35 -24.26
C TYR B 243 3.64 -25.84 -24.07
N VAL B 244 2.44 -25.28 -24.24
CA VAL B 244 2.22 -23.84 -24.06
C VAL B 244 1.08 -23.59 -23.09
N PRO B 245 1.34 -23.20 -21.83
CA PRO B 245 0.24 -22.98 -20.89
C PRO B 245 -0.60 -21.78 -21.26
N ILE B 246 -1.86 -21.80 -20.84
CA ILE B 246 -2.81 -20.71 -21.05
C ILE B 246 -3.33 -20.21 -19.71
N ALA B 247 -3.44 -18.88 -19.58
CA ALA B 247 -3.94 -18.24 -18.37
C ALA B 247 -5.00 -17.22 -18.74
N VAL B 248 -6.01 -17.08 -17.86
CA VAL B 248 -7.09 -16.12 -18.09
C VAL B 248 -6.91 -14.90 -17.19
N LYS B 249 -7.12 -13.72 -17.75
CA LYS B 249 -6.98 -12.46 -17.04
C LYS B 249 -8.36 -11.92 -16.68
N ILE B 250 -8.64 -11.82 -15.38
CA ILE B 250 -9.95 -11.43 -14.88
C ILE B 250 -9.95 -9.97 -14.44
N ALA B 251 -11.13 -9.45 -14.12
CA ALA B 251 -11.35 -8.09 -13.66
C ALA B 251 -11.36 -8.01 -12.14
N PRO B 252 -11.06 -6.85 -11.57
CA PRO B 252 -11.19 -6.67 -10.12
C PRO B 252 -12.62 -6.40 -9.67
N ASP B 253 -13.56 -6.22 -10.58
CA ASP B 253 -14.89 -5.74 -10.22
C ASP B 253 -15.93 -6.86 -10.16
N LEU B 254 -15.45 -8.09 -9.97
CA LEU B 254 -16.36 -9.24 -9.87
C LEU B 254 -16.94 -9.31 -8.47
N SER B 255 -18.15 -9.84 -8.33
CA SER B 255 -18.76 -10.04 -6.99
C SER B 255 -18.20 -11.32 -6.39
N GLU B 256 -18.45 -11.57 -5.11
CA GLU B 256 -17.97 -12.81 -4.46
C GLU B 256 -18.50 -14.01 -5.23
N GLU B 257 -19.81 -14.04 -5.49
CA GLU B 257 -20.43 -15.19 -6.18
C GLU B 257 -19.84 -15.31 -7.59
N GLU B 258 -19.62 -14.18 -8.25
CA GLU B 258 -19.02 -14.19 -9.61
C GLU B 258 -17.62 -14.76 -9.53
N LEU B 259 -16.82 -14.35 -8.54
CA LEU B 259 -15.43 -14.83 -8.40
C LEU B 259 -15.45 -16.32 -8.11
N ILE B 260 -16.36 -16.79 -7.26
CA ILE B 260 -16.45 -18.23 -6.93
C ILE B 260 -16.71 -18.99 -8.23
N GLN B 261 -17.63 -18.49 -9.06
CA GLN B 261 -17.99 -19.19 -10.31
C GLN B 261 -16.80 -19.20 -11.26
N VAL B 262 -16.15 -18.05 -11.46
CA VAL B 262 -14.96 -17.97 -12.36
C VAL B 262 -13.93 -18.99 -11.89
N ALA B 263 -13.59 -18.97 -10.60
CA ALA B 263 -12.56 -19.88 -10.07
C ALA B 263 -12.98 -21.32 -10.35
N ASP B 264 -14.22 -21.66 -10.00
CA ASP B 264 -14.70 -23.01 -10.24
C ASP B 264 -14.59 -23.37 -11.72
N SER B 265 -14.92 -22.41 -12.60
CA SER B 265 -14.88 -22.66 -14.04
C SER B 265 -13.45 -22.84 -14.55
N LEU B 266 -12.50 -22.09 -13.99
CA LEU B 266 -11.11 -22.25 -14.42
C LEU B 266 -10.58 -23.62 -14.04
N VAL B 267 -11.00 -24.12 -12.87
CA VAL B 267 -10.50 -25.41 -12.41
C VAL B 267 -11.10 -26.53 -13.24
N ARG B 268 -12.40 -26.43 -13.56
CA ARG B 268 -13.08 -27.52 -14.26
C ARG B 268 -12.56 -27.67 -15.68
N HIS B 269 -12.18 -26.57 -16.33
CA HIS B 269 -11.62 -26.65 -17.66
C HIS B 269 -10.10 -26.80 -17.65
N ASN B 270 -9.49 -26.97 -16.48
CA ASN B 270 -8.06 -27.22 -16.34
C ASN B 270 -7.21 -26.13 -16.99
N ILE B 271 -7.66 -24.87 -16.91
CA ILE B 271 -6.81 -23.76 -17.29
C ILE B 271 -5.53 -23.75 -16.45
N ASP B 272 -4.44 -23.30 -17.05
CA ASP B 272 -3.13 -23.43 -16.41
C ASP B 272 -2.85 -22.33 -15.39
N GLY B 273 -3.44 -21.16 -15.56
CA GLY B 273 -3.33 -20.15 -14.53
C GLY B 273 -4.29 -19.02 -14.76
N VAL B 274 -4.32 -18.11 -13.79
CA VAL B 274 -5.20 -16.95 -13.84
C VAL B 274 -4.40 -15.71 -13.53
N ILE B 275 -4.72 -14.61 -14.20
CA ILE B 275 -4.02 -13.32 -14.01
C ILE B 275 -5.01 -12.38 -13.37
N ALA B 276 -4.73 -11.97 -12.12
CA ALA B 276 -5.62 -11.09 -11.38
C ALA B 276 -4.82 -9.89 -10.88
N THR B 277 -5.18 -8.69 -11.34
CA THR B 277 -6.39 -8.42 -12.11
C THR B 277 -6.14 -7.33 -13.15
N ASN B 278 -7.11 -7.13 -14.05
CA ASN B 278 -7.12 -5.96 -14.94
C ASN B 278 -7.56 -4.70 -14.18
N THR B 279 -7.86 -3.63 -14.90
CA THR B 279 -8.17 -2.33 -14.29
C THR B 279 -9.60 -2.32 -13.71
N THR B 280 -9.91 -1.30 -12.90
CA THR B 280 -11.16 -1.24 -12.15
C THR B 280 -12.04 -0.05 -12.56
N LEU B 281 -13.35 -0.28 -12.51
CA LEU B 281 -14.31 0.79 -12.75
C LEU B 281 -14.51 1.66 -11.53
N ASP B 282 -13.98 1.25 -10.38
CA ASP B 282 -14.19 1.95 -9.13
C ASP B 282 -13.46 3.30 -9.12
N ARG B 283 -13.97 4.22 -8.29
CA ARG B 283 -13.35 5.53 -8.10
C ARG B 283 -13.37 5.99 -6.64
N SER B 284 -13.77 5.13 -5.69
CA SER B 284 -13.83 5.53 -4.29
C SER B 284 -12.60 6.30 -3.83
N LEU B 285 -11.41 5.84 -4.20
CA LEU B 285 -10.20 6.38 -3.59
C LEU B 285 -9.70 7.64 -4.26
N VAL B 286 -10.34 8.09 -5.35
CA VAL B 286 -9.77 9.16 -6.16
C VAL B 286 -10.73 10.33 -6.29
N GLN B 287 -11.80 10.35 -5.49
CA GLN B 287 -12.76 11.44 -5.54
C GLN B 287 -12.07 12.77 -5.32
N GLY B 288 -12.47 13.76 -6.11
CA GLY B 288 -11.93 15.09 -5.97
C GLY B 288 -10.64 15.33 -6.70
N MET B 289 -10.10 14.35 -7.41
CA MET B 289 -8.85 14.50 -8.14
C MET B 289 -9.08 14.77 -9.64
N LYS B 290 -8.21 15.59 -10.22
CA LYS B 290 -8.25 15.83 -11.65
C LYS B 290 -8.33 14.52 -12.42
N ASN B 291 -9.34 14.42 -13.30
CA ASN B 291 -9.61 13.31 -14.22
C ASN B 291 -10.35 12.17 -13.54
N CYS B 292 -10.66 12.26 -12.25
CA CYS B 292 -11.30 11.13 -11.58
C CYS B 292 -12.62 10.73 -12.25
N ASP B 293 -13.24 11.62 -13.00
CA ASP B 293 -14.53 11.32 -13.64
C ASP B 293 -14.38 10.77 -15.06
N GLN B 294 -13.18 10.77 -15.62
CA GLN B 294 -12.98 10.12 -16.92
C GLN B 294 -13.44 8.68 -16.86
N THR B 295 -14.05 8.23 -17.95
CA THR B 295 -14.50 6.86 -18.05
C THR B 295 -13.34 5.97 -18.48
N GLY B 296 -13.39 4.71 -18.05
CA GLY B 296 -12.32 3.81 -18.38
C GLY B 296 -11.88 3.02 -17.16
N GLY B 297 -10.70 2.45 -17.25
CA GLY B 297 -10.16 1.59 -16.19
C GLY B 297 -9.09 2.32 -15.40
N LEU B 298 -9.22 2.25 -14.08
CA LEU B 298 -8.25 2.83 -13.16
C LEU B 298 -7.18 1.81 -12.79
N SER B 299 -5.94 2.28 -12.70
CA SER B 299 -4.80 1.43 -12.37
C SER B 299 -3.85 2.19 -11.44
N GLY B 300 -2.83 1.48 -10.95
CA GLY B 300 -1.82 2.07 -10.09
C GLY B 300 -2.19 1.99 -8.62
N ARG B 301 -1.77 2.97 -7.83
CA ARG B 301 -1.92 2.84 -6.39
C ARG B 301 -3.39 2.74 -5.94
N PRO B 302 -4.35 3.43 -6.56
CA PRO B 302 -5.75 3.31 -6.11
C PRO B 302 -6.43 2.00 -6.47
N LEU B 303 -5.73 1.08 -7.14
CA LEU B 303 -6.20 -0.29 -7.36
C LEU B 303 -5.52 -1.30 -6.46
N GLN B 304 -4.47 -0.90 -5.75
CA GLN B 304 -3.60 -1.87 -5.06
C GLN B 304 -4.38 -2.70 -4.06
N LEU B 305 -5.13 -2.03 -3.17
CA LEU B 305 -5.82 -2.76 -2.09
C LEU B 305 -6.84 -3.74 -2.67
N LYS B 306 -7.66 -3.27 -3.61
CA LYS B 306 -8.72 -4.10 -4.17
C LYS B 306 -8.14 -5.32 -4.87
N SER B 307 -7.10 -5.10 -5.68
CA SER B 307 -6.41 -6.18 -6.37
C SER B 307 -5.93 -7.26 -5.41
N THR B 308 -5.24 -6.85 -4.33
CA THR B 308 -4.81 -7.80 -3.32
C THR B 308 -6.00 -8.54 -2.70
N GLU B 309 -7.08 -7.83 -2.40
CA GLU B 309 -8.20 -8.53 -1.78
C GLU B 309 -8.84 -9.52 -2.75
N ILE B 310 -8.91 -9.18 -4.04
CA ILE B 310 -9.41 -10.14 -5.02
C ILE B 310 -8.52 -11.38 -5.03
N ILE B 311 -7.20 -11.19 -5.09
CA ILE B 311 -6.27 -12.32 -5.14
C ILE B 311 -6.44 -13.21 -3.91
N ARG B 312 -6.52 -12.59 -2.72
CA ARG B 312 -6.67 -13.37 -1.49
C ARG B 312 -7.92 -14.22 -1.55
N ARG B 313 -9.03 -13.64 -2.02
CA ARG B 313 -10.30 -14.35 -2.09
C ARG B 313 -10.28 -15.42 -3.17
N LEU B 314 -9.71 -15.08 -4.33
CA LEU B 314 -9.52 -16.05 -5.39
C LEU B 314 -8.68 -17.24 -4.91
N SER B 315 -7.58 -16.95 -4.21
CA SER B 315 -6.68 -18.00 -3.74
C SER B 315 -7.39 -18.92 -2.78
N LEU B 316 -8.12 -18.35 -1.83
CA LEU B 316 -8.94 -19.14 -0.92
C LEU B 316 -9.77 -20.13 -1.69
N GLU B 317 -10.36 -19.69 -2.81
CA GLU B 317 -11.21 -20.57 -3.61
C GLU B 317 -10.39 -21.64 -4.33
N LEU B 318 -9.30 -21.24 -4.99
CA LEU B 318 -8.59 -22.20 -5.84
C LEU B 318 -7.85 -23.24 -5.01
N ASN B 319 -7.49 -22.92 -3.77
CA ASN B 319 -6.88 -23.90 -2.87
C ASN B 319 -5.65 -24.56 -3.51
N GLY B 320 -4.83 -23.76 -4.19
CA GLY B 320 -3.61 -24.27 -4.80
C GLY B 320 -3.78 -25.08 -6.05
N ARG B 321 -4.99 -25.19 -6.61
CA ARG B 321 -5.20 -26.05 -7.76
C ARG B 321 -4.73 -25.43 -9.07
N LEU B 322 -4.45 -24.13 -9.09
CA LEU B 322 -3.81 -23.53 -10.24
C LEU B 322 -3.25 -22.20 -9.80
N PRO B 323 -2.19 -21.72 -10.44
CA PRO B 323 -1.46 -20.56 -9.93
C PRO B 323 -2.08 -19.23 -10.33
N ILE B 324 -1.77 -18.21 -9.52
CA ILE B 324 -2.19 -16.84 -9.75
C ILE B 324 -0.98 -15.97 -10.09
N ILE B 325 -1.14 -15.18 -11.13
CA ILE B 325 -0.24 -14.09 -11.45
C ILE B 325 -0.89 -12.83 -10.91
N GLY B 326 -0.27 -12.23 -9.88
CA GLY B 326 -0.84 -11.07 -9.22
C GLY B 326 -0.40 -9.77 -9.89
N VAL B 327 -1.37 -8.88 -10.11
CA VAL B 327 -1.09 -7.59 -10.73
C VAL B 327 -2.16 -6.59 -10.29
N GLY B 328 -1.76 -5.34 -10.13
CA GLY B 328 -2.66 -4.33 -9.62
C GLY B 328 -2.00 -3.42 -8.62
N GLY B 329 -1.54 -2.26 -9.09
CA GLY B 329 -1.02 -1.23 -8.22
C GLY B 329 0.25 -1.57 -7.48
N ILE B 330 1.01 -2.56 -7.95
CA ILE B 330 2.26 -2.89 -7.26
C ILE B 330 3.27 -1.79 -7.49
N ASP B 331 3.78 -1.20 -6.42
CA ASP B 331 4.69 -0.07 -6.57
C ASP B 331 5.80 -0.09 -5.54
N SER B 332 6.19 -1.27 -5.07
CA SER B 332 7.20 -1.38 -4.02
C SER B 332 7.39 -2.86 -3.74
N VAL B 333 8.53 -3.19 -3.14
CA VAL B 333 8.81 -4.59 -2.83
C VAL B 333 7.80 -5.11 -1.82
N ILE B 334 7.38 -4.27 -0.88
CA ILE B 334 6.43 -4.77 0.10
C ILE B 334 5.08 -5.04 -0.55
N ALA B 335 4.67 -4.18 -1.50
CA ALA B 335 3.38 -4.40 -2.16
C ALA B 335 3.40 -5.68 -2.96
N ALA B 336 4.48 -5.88 -3.74
CA ALA B 336 4.73 -7.16 -4.39
C ALA B 336 4.58 -8.34 -3.41
N ARG B 337 5.18 -8.23 -2.23
CA ARG B 337 5.11 -9.33 -1.26
C ARG B 337 3.70 -9.50 -0.69
N GLU B 338 2.93 -8.41 -0.54
CA GLU B 338 1.55 -8.56 -0.11
C GLU B 338 0.77 -9.43 -1.08
N LYS B 339 1.01 -9.26 -2.38
CA LYS B 339 0.35 -10.09 -3.38
C LYS B 339 0.83 -11.54 -3.30
N ILE B 340 2.14 -11.77 -3.13
CA ILE B 340 2.63 -13.13 -2.84
C ILE B 340 1.90 -13.71 -1.64
N ALA B 341 1.82 -12.94 -0.54
CA ALA B 341 1.18 -13.48 0.67
C ALA B 341 -0.31 -13.72 0.47
N ALA B 342 -0.96 -13.02 -0.49
CA ALA B 342 -2.37 -13.32 -0.71
C ALA B 342 -2.58 -14.55 -1.56
N GLY B 343 -1.50 -15.11 -2.13
CA GLY B 343 -1.60 -16.30 -2.93
C GLY B 343 -0.95 -16.27 -4.29
N ALA B 344 -0.52 -15.10 -4.78
CA ALA B 344 0.08 -15.08 -6.10
C ALA B 344 1.40 -15.87 -6.11
N SER B 345 1.71 -16.46 -7.26
CA SER B 345 3.04 -17.05 -7.47
C SER B 345 3.99 -16.13 -8.25
N LEU B 346 3.46 -15.18 -9.01
CA LEU B 346 4.24 -14.25 -9.82
C LEU B 346 3.55 -12.90 -9.71
N VAL B 347 4.24 -11.84 -10.11
CA VAL B 347 3.65 -10.51 -10.07
C VAL B 347 4.03 -9.76 -11.34
N GLN B 348 3.21 -8.78 -11.67
CA GLN B 348 3.43 -7.94 -12.82
C GLN B 348 3.20 -6.49 -12.41
N ILE B 349 3.80 -5.59 -13.17
CA ILE B 349 3.66 -4.15 -12.95
C ILE B 349 3.40 -3.45 -14.28
N TYR B 350 2.59 -2.40 -14.24
CA TYR B 350 2.53 -1.45 -15.34
C TYR B 350 2.62 -0.04 -14.75
N SER B 351 1.58 0.37 -14.03
CA SER B 351 1.49 1.74 -13.57
C SER B 351 2.67 2.10 -12.66
N GLY B 352 3.06 1.17 -11.78
CA GLY B 352 4.22 1.41 -10.94
C GLY B 352 5.48 1.64 -11.76
N PHE B 353 5.59 0.96 -12.91
CA PHE B 353 6.72 1.20 -13.80
C PHE B 353 6.74 2.65 -14.27
N ILE B 354 5.58 3.18 -14.65
CA ILE B 354 5.51 4.57 -15.11
C ILE B 354 5.89 5.53 -14.00
N PHE B 355 5.36 5.30 -12.79
CA PHE B 355 5.49 6.28 -11.72
C PHE B 355 6.80 6.17 -10.92
N LYS B 356 7.44 4.99 -10.86
CA LYS B 356 8.76 4.91 -10.24
C LYS B 356 9.89 4.52 -11.17
N GLY B 357 9.61 4.09 -12.40
CA GLY B 357 10.67 3.85 -13.36
C GLY B 357 11.40 2.53 -13.20
N PRO B 358 12.48 2.38 -13.95
CA PRO B 358 13.23 1.12 -13.98
C PRO B 358 13.71 0.69 -12.60
N PRO B 359 14.02 1.60 -11.69
CA PRO B 359 14.52 1.15 -10.37
C PRO B 359 13.55 0.27 -9.61
N LEU B 360 12.25 0.34 -9.91
CA LEU B 360 11.30 -0.52 -9.23
C LEU B 360 11.52 -1.97 -9.63
N ILE B 361 11.96 -2.20 -10.88
CA ILE B 361 12.31 -3.54 -11.34
C ILE B 361 13.39 -4.13 -10.46
N LYS B 362 14.46 -3.34 -10.25
CA LYS B 362 15.62 -3.79 -9.47
C LYS B 362 15.24 -4.04 -8.02
N GLU B 363 14.49 -3.12 -7.40
CA GLU B 363 14.00 -3.38 -6.04
C GLU B 363 13.30 -4.72 -5.97
N ILE B 364 12.30 -4.93 -6.84
CA ILE B 364 11.39 -6.05 -6.67
C ILE B 364 12.11 -7.37 -6.94
N VAL B 365 12.81 -7.49 -8.07
CA VAL B 365 13.56 -8.72 -8.35
C VAL B 365 14.54 -9.00 -7.22
N THR B 366 15.20 -7.95 -6.70
CA THR B 366 16.27 -8.15 -5.73
C THR B 366 15.73 -8.57 -4.36
N HIS B 367 14.60 -8.03 -3.93
CA HIS B 367 14.19 -8.24 -2.54
C HIS B 367 12.89 -8.98 -2.38
N ILE B 368 12.16 -9.30 -3.46
CA ILE B 368 10.92 -10.04 -3.31
C ILE B 368 11.30 -11.36 -2.67
#